data_5J7Z
#
_entry.id   5J7Z
#
_cell.length_a   192.283
_cell.length_b   48.921
_cell.length_c   120.227
_cell.angle_alpha   90.00
_cell.angle_beta   113.95
_cell.angle_gamma   90.00
#
_symmetry.space_group_name_H-M   'C 1 2 1'
#
loop_
_entity.id
_entity.type
_entity.pdbx_description
1 polymer 'Putative secreted endoglycosylceramidase'
2 branched 'beta-D-galactopyranose-(1-3)-2-acetamido-2-deoxy-beta-D-galactopyranose-(1-4)-[N-acetyl-alpha-neuraminic acid-(2-3)]beta-D-galactopyranose-(1-4)-beta-D-glucopyranose'
3 non-polymer 'SODIUM ION'
4 non-polymer N-((E,2S,3R)-1,3-DIHYDROXYOCTADEC-4-EN-2-YL)STEARAMIDE
5 water water
#
_entity_poly.entity_id   1
_entity_poly.type   'polypeptide(L)'
_entity_poly.pdbx_seq_one_letter_code
;MGSSHHHHHHSSGLVPRGSHMASMTGGQQMGRGSAPPATPITTLQADGTHLVDGYGRTVLLHGVNNVDKDAPYLPAGETL
TPQDIDILVRHGFNTVRLGTSFDALMPQRGQIDEAYLDRLTGVVDALTARGMHVLLDNHQDGLSKAWGGNGFPEWAIESR
PREWEPNPGFPLYYLMPSLNAGWDEVWGNTHGALDHLGTALGALAERVEGKPGVMGIELLNEPWPGSRFLSCFPNGCPDF
DRTYQAAMQKLTDAVRAQNPTIPVYWEPNVTWNQMMPSNLFAPPVTPALTTADVVFAPHDYCIPSQLAIYLGLPQALRGL
CVPQQDLTWSNIDAITERANVPTVITSFGDGDPTVLKNTLARADERFIGWQYWHFGAGNATDPFLGEVGRQLVRTYPQAT
AGEPGRMIFDADNGDFAYRFTPRAATRPTEIFVSDLHYPDGYAVQVDGGQVTSAPGARIVTVVADGSGPVTVKINRPGSA
GAEVPDGPIETSSSGSSGSS
;
_entity_poly.pdbx_strand_id   A,B
#
loop_
_chem_comp.id
_chem_comp.type
_chem_comp.name
_chem_comp.formula
18C non-polymer N-((E,2S,3R)-1,3-DIHYDROXYOCTADEC-4-EN-2-YL)STEARAMIDE 'C36 H71 N O3'
BGC D-saccharide, beta linking beta-D-glucopyranose 'C6 H12 O6'
GAL D-saccharide, beta linking beta-D-galactopyranose 'C6 H12 O6'
NA non-polymer 'SODIUM ION' 'Na 1'
NGA D-saccharide, beta linking 2-acetamido-2-deoxy-beta-D-galactopyranose 'C8 H15 N O6'
SIA D-saccharide, alpha linking 'N-acetyl-alpha-neuraminic acid' 'C11 H19 N O9'
#
# COMPACT_ATOMS: atom_id res chain seq x y z
N PRO A 37 -10.03 36.59 32.60
CA PRO A 37 -9.26 37.68 31.95
C PRO A 37 -8.08 37.12 31.12
N ALA A 38 -8.31 36.84 29.85
CA ALA A 38 -7.40 36.00 29.05
C ALA A 38 -6.08 36.70 28.66
N THR A 39 -5.06 35.87 28.43
CA THR A 39 -3.72 36.37 28.12
C THR A 39 -3.74 36.89 26.70
N PRO A 40 -3.34 38.15 26.50
CA PRO A 40 -3.35 38.59 25.11
C PRO A 40 -2.39 37.79 24.24
N ILE A 41 -2.87 37.47 23.04
CA ILE A 41 -2.12 36.67 22.11
C ILE A 41 -0.93 37.44 21.54
N THR A 42 0.18 36.74 21.34
CA THR A 42 1.38 37.35 20.79
C THR A 42 1.85 36.59 19.57
N THR A 43 2.92 37.12 18.98
CA THR A 43 3.63 36.45 17.92
C THR A 43 4.49 35.35 18.54
N LEU A 44 4.88 34.39 17.72
CA LEU A 44 5.73 33.30 18.16
C LEU A 44 7.03 33.33 17.42
N GLN A 45 8.10 33.06 18.17
CA GLN A 45 9.44 33.17 17.68
C GLN A 45 10.19 31.85 17.91
N ALA A 46 10.88 31.39 16.88
CA ALA A 46 11.63 30.17 16.99
C ALA A 46 12.94 30.44 17.71
N ASP A 47 13.24 29.57 18.67
CA ASP A 47 14.51 29.60 19.38
C ASP A 47 14.92 28.14 19.53
N GLY A 48 15.83 27.69 18.67
CA GLY A 48 16.13 26.26 18.57
C GLY A 48 14.84 25.55 18.16
N THR A 49 14.52 24.48 18.88
CA THR A 49 13.32 23.71 18.64
C THR A 49 12.07 24.31 19.31
N HIS A 50 12.23 25.37 20.09
CA HIS A 50 11.10 25.98 20.80
C HIS A 50 10.39 27.06 20.00
N LEU A 51 9.07 27.12 20.16
CA LEU A 51 8.28 28.28 19.78
C LEU A 51 7.97 29.07 21.06
N VAL A 52 8.43 30.32 21.09
CA VAL A 52 8.45 31.14 22.28
C VAL A 52 7.55 32.37 22.12
N ASP A 53 6.64 32.57 23.08
CA ASP A 53 5.70 33.67 22.98
C ASP A 53 6.37 34.93 23.49
N GLY A 54 5.64 36.03 23.42
CA GLY A 54 6.14 37.32 23.84
C GLY A 54 6.33 37.47 25.34
N TYR A 55 5.88 36.50 26.13
CA TYR A 55 6.14 36.50 27.58
C TYR A 55 7.35 35.63 27.95
N GLY A 56 8.01 35.07 26.94
CA GLY A 56 9.17 34.19 27.16
C GLY A 56 8.80 32.72 27.40
N ARG A 57 7.54 32.35 27.20
CA ARG A 57 7.12 30.97 27.43
C ARG A 57 7.21 30.09 26.19
N THR A 58 7.44 28.80 26.41
CA THR A 58 7.49 27.81 25.36
C THR A 58 6.05 27.36 25.10
N VAL A 59 5.62 27.47 23.85
CA VAL A 59 4.22 27.25 23.48
C VAL A 59 4.00 25.88 22.84
N LEU A 60 2.94 25.18 23.27
CA LEU A 60 2.52 23.94 22.64
C LEU A 60 1.18 24.21 21.97
N LEU A 61 1.11 23.94 20.67
CA LEU A 61 -0.07 24.18 19.87
C LEU A 61 -0.85 22.92 19.55
N HIS A 62 -2.10 22.84 19.97
CA HIS A 62 -2.98 21.77 19.55
C HIS A 62 -4.20 22.39 18.88
N GLY A 63 -4.50 21.94 17.67
CA GLY A 63 -5.58 22.54 16.91
C GLY A 63 -6.07 21.73 15.74
N VAL A 64 -6.64 22.45 14.77
CA VAL A 64 -7.33 21.86 13.63
C VAL A 64 -7.05 22.58 12.34
N ASN A 65 -7.31 21.86 11.25
CA ASN A 65 -7.32 22.43 9.92
C ASN A 65 -8.70 22.92 9.57
N ASN A 66 -8.73 24.01 8.81
CA ASN A 66 -9.95 24.49 8.16
C ASN A 66 -9.58 25.10 6.81
N VAL A 67 -9.96 24.42 5.71
CA VAL A 67 -9.43 24.66 4.39
C VAL A 67 -10.58 24.70 3.41
N ASP A 68 -10.72 25.81 2.70
CA ASP A 68 -11.69 25.95 1.61
C ASP A 68 -10.97 25.72 0.26
N LYS A 69 -11.34 24.65 -0.42
CA LYS A 69 -10.65 24.25 -1.64
C LYS A 69 -11.39 24.67 -2.92
N ASP A 70 -12.60 25.19 -2.78
CA ASP A 70 -13.50 25.42 -3.92
C ASP A 70 -13.95 26.89 -4.07
N ALA A 71 -13.82 27.42 -5.28
CA ALA A 71 -14.30 28.80 -5.59
C ALA A 71 -15.81 28.82 -5.46
N PRO A 72 -16.37 29.95 -5.01
CA PRO A 72 -15.70 31.12 -4.47
C PRO A 72 -15.15 30.82 -3.08
N TYR A 73 -14.05 31.47 -2.79
CA TYR A 73 -13.28 31.20 -1.58
C TYR A 73 -13.71 32.09 -0.42
N LEU A 74 -13.91 31.46 0.72
CA LEU A 74 -14.33 32.13 1.93
C LEU A 74 -15.49 33.10 1.68
N PRO A 75 -16.59 32.60 1.09
CA PRO A 75 -17.69 33.50 0.84
C PRO A 75 -18.48 33.72 2.12
N ALA A 76 -19.17 34.85 2.16
CA ALA A 76 -19.98 35.26 3.30
C ALA A 76 -20.86 34.13 3.79
N GLY A 77 -20.89 33.92 5.10
CA GLY A 77 -21.80 32.94 5.69
C GLY A 77 -21.34 31.50 5.61
N GLU A 78 -20.23 31.22 4.95
CA GLU A 78 -19.71 29.85 4.84
C GLU A 78 -18.35 29.69 5.53
N THR A 79 -17.99 30.65 6.36
CA THR A 79 -16.72 30.58 7.07
C THR A 79 -17.03 30.22 8.50
N LEU A 80 -15.99 30.06 9.32
CA LEU A 80 -16.15 29.65 10.71
C LEU A 80 -17.07 30.65 11.43
N THR A 81 -18.15 30.13 12.01
CA THR A 81 -19.08 30.95 12.80
C THR A 81 -18.57 31.20 14.21
N PRO A 82 -19.16 32.19 14.91
CA PRO A 82 -18.83 32.36 16.34
C PRO A 82 -19.01 31.07 17.13
N GLN A 83 -20.06 30.33 16.79
CA GLN A 83 -20.33 29.06 17.42
C GLN A 83 -19.26 27.99 17.11
N ASP A 84 -18.85 27.88 15.86
CA ASP A 84 -17.72 27.01 15.51
C ASP A 84 -16.52 27.34 16.38
N ILE A 85 -16.26 28.62 16.55
CA ILE A 85 -15.08 29.06 17.26
C ILE A 85 -15.21 28.77 18.76
N ASP A 86 -16.40 28.95 19.31
CA ASP A 86 -16.68 28.56 20.68
C ASP A 86 -16.41 27.10 20.92
N ILE A 87 -16.70 26.25 19.94
CA ILE A 87 -16.40 24.82 20.08
C ILE A 87 -14.91 24.62 20.32
N LEU A 88 -14.10 25.30 19.52
CA LEU A 88 -12.65 25.16 19.60
C LEU A 88 -12.12 25.69 20.92
N VAL A 89 -12.64 26.81 21.37
CA VAL A 89 -12.20 27.41 22.62
C VAL A 89 -12.56 26.51 23.81
N ARG A 90 -13.81 26.09 23.84
CA ARG A 90 -14.34 25.18 24.85
C ARG A 90 -13.43 23.96 25.05
N HIS A 91 -12.96 23.37 23.96
CA HIS A 91 -12.08 22.18 24.04
C HIS A 91 -10.57 22.50 24.07
N GLY A 92 -10.25 23.79 24.19
CA GLY A 92 -8.91 24.22 24.53
C GLY A 92 -7.90 24.21 23.40
N PHE A 93 -8.39 24.11 22.16
CA PHE A 93 -7.52 24.22 20.99
C PHE A 93 -7.03 25.67 20.88
N ASN A 94 -5.77 25.84 20.48
CA ASN A 94 -5.17 27.18 20.40
C ASN A 94 -4.52 27.47 19.04
N THR A 95 -4.90 26.72 18.01
CA THR A 95 -4.34 26.92 16.67
C THR A 95 -5.28 26.43 15.57
N VAL A 96 -5.33 27.18 14.50
CA VAL A 96 -6.06 26.79 13.30
C VAL A 96 -5.11 26.92 12.12
N ARG A 97 -4.99 25.83 11.37
CA ARG A 97 -4.33 25.86 10.08
C ARG A 97 -5.41 26.23 9.07
N LEU A 98 -5.35 27.47 8.61
CA LEU A 98 -6.36 28.03 7.75
C LEU A 98 -5.86 28.00 6.32
N GLY A 99 -6.62 27.34 5.46
CA GLY A 99 -6.22 27.20 4.07
C GLY A 99 -6.35 28.49 3.28
N THR A 100 -5.38 28.75 2.43
CA THR A 100 -5.56 29.72 1.37
C THR A 100 -5.02 29.02 0.13
N SER A 101 -4.96 29.73 -0.98
CA SER A 101 -4.38 29.15 -2.18
C SER A 101 -3.94 30.20 -3.17
N PHE A 102 -3.01 29.78 -3.99
CA PHE A 102 -2.54 30.53 -5.17
C PHE A 102 -3.77 30.93 -6.04
N ASP A 103 -4.66 30.00 -6.31
CA ASP A 103 -5.85 30.30 -7.09
C ASP A 103 -6.72 31.39 -6.43
N ALA A 104 -6.88 31.31 -5.11
CA ALA A 104 -7.70 32.29 -4.38
C ALA A 104 -7.03 33.65 -4.40
N LEU A 105 -5.71 33.65 -4.19
CA LEU A 105 -4.94 34.88 -4.11
C LEU A 105 -4.75 35.60 -5.44
N MET A 106 -4.56 34.83 -6.52
CA MET A 106 -4.30 35.41 -7.83
C MET A 106 -5.08 34.67 -8.91
N PRO A 107 -6.41 34.88 -8.96
CA PRO A 107 -7.25 34.08 -9.84
C PRO A 107 -7.14 34.40 -11.34
N GLN A 108 -6.45 35.49 -11.69
CA GLN A 108 -6.09 35.84 -13.07
C GLN A 108 -4.62 36.20 -13.11
N ARG A 109 -3.98 35.94 -14.24
CA ARG A 109 -2.54 36.16 -14.38
C ARG A 109 -2.11 37.52 -13.84
N GLY A 110 -1.21 37.51 -12.87
CA GLY A 110 -0.66 38.72 -12.30
C GLY A 110 -1.61 39.62 -11.51
N GLN A 111 -2.82 39.16 -11.18
CA GLN A 111 -3.77 40.03 -10.45
C GLN A 111 -4.20 39.48 -9.11
N ILE A 112 -3.79 40.16 -8.06
CA ILE A 112 -4.20 39.86 -6.70
C ILE A 112 -5.69 40.20 -6.49
N ASP A 113 -6.46 39.23 -5.99
CA ASP A 113 -7.84 39.48 -5.59
C ASP A 113 -7.85 40.10 -4.18
N GLU A 114 -7.91 41.43 -4.15
CA GLU A 114 -7.87 42.15 -2.89
C GLU A 114 -9.12 41.90 -2.05
N ALA A 115 -10.23 41.64 -2.71
CA ALA A 115 -11.47 41.28 -2.02
C ALA A 115 -11.32 39.91 -1.32
N TYR A 116 -10.65 38.94 -1.95
CA TYR A 116 -10.41 37.67 -1.26
C TYR A 116 -9.59 37.92 0.00
N LEU A 117 -8.55 38.74 -0.11
CA LEU A 117 -7.72 39.05 1.02
C LEU A 117 -8.48 39.70 2.17
N ASP A 118 -9.47 40.55 1.87
CA ASP A 118 -10.35 41.08 2.92
C ASP A 118 -11.11 39.97 3.64
N ARG A 119 -11.67 39.03 2.88
CA ARG A 119 -12.43 37.95 3.50
C ARG A 119 -11.51 37.05 4.39
N LEU A 120 -10.32 36.75 3.89
CA LEU A 120 -9.37 35.91 4.58
C LEU A 120 -8.94 36.56 5.90
N THR A 121 -8.67 37.85 5.87
CA THR A 121 -8.23 38.54 7.07
C THR A 121 -9.37 38.73 8.07
N GLY A 122 -10.60 38.79 7.57
CA GLY A 122 -11.78 38.75 8.45
C GLY A 122 -11.78 37.44 9.24
N VAL A 123 -11.52 36.32 8.57
CA VAL A 123 -11.47 35.03 9.30
C VAL A 123 -10.29 34.99 10.27
N VAL A 124 -9.12 35.39 9.80
CA VAL A 124 -7.94 35.44 10.66
C VAL A 124 -8.21 36.27 11.92
N ASP A 125 -8.77 37.46 11.76
CA ASP A 125 -9.13 38.33 12.89
C ASP A 125 -10.14 37.73 13.88
N ALA A 126 -11.13 37.00 13.38
CA ALA A 126 -12.08 36.35 14.25
C ALA A 126 -11.41 35.27 15.08
N LEU A 127 -10.43 34.58 14.49
CA LEU A 127 -9.72 33.50 15.18
C LEU A 127 -8.74 34.00 16.23
N THR A 128 -7.90 34.97 15.83
CA THR A 128 -6.88 35.48 16.73
C THR A 128 -7.52 36.25 17.91
N ALA A 129 -8.68 36.86 17.67
CA ALA A 129 -9.44 37.53 18.75
C ALA A 129 -9.83 36.58 19.87
N ARG A 130 -9.97 35.29 19.56
CA ARG A 130 -10.35 34.29 20.55
C ARG A 130 -9.21 33.40 20.98
N GLY A 131 -7.99 33.88 20.79
CA GLY A 131 -6.79 33.20 21.26
C GLY A 131 -6.25 32.12 20.36
N MET A 132 -6.67 32.05 19.10
CA MET A 132 -6.16 31.01 18.19
C MET A 132 -4.98 31.53 17.39
N HIS A 133 -3.87 30.79 17.44
CA HIS A 133 -2.76 31.02 16.53
C HIS A 133 -3.10 30.49 15.14
N VAL A 134 -2.96 31.33 14.13
CA VAL A 134 -3.37 30.97 12.76
C VAL A 134 -2.18 30.74 11.84
N LEU A 135 -2.10 29.54 11.27
CA LEU A 135 -1.07 29.20 10.30
C LEU A 135 -1.71 29.25 8.93
N LEU A 136 -1.18 30.10 8.07
CA LEU A 136 -1.77 30.26 6.75
C LEU A 136 -1.17 29.22 5.82
N ASP A 137 -2.01 28.27 5.40
CA ASP A 137 -1.56 27.12 4.59
C ASP A 137 -1.83 27.39 3.12
N ASN A 138 -0.77 27.52 2.33
CA ASN A 138 -0.90 27.56 0.87
C ASN A 138 -1.20 26.16 0.33
N HIS A 139 -2.49 25.86 0.23
CA HIS A 139 -2.96 24.53 -0.01
C HIS A 139 -3.09 24.14 -1.50
N GLN A 140 -2.83 22.85 -1.75
CA GLN A 140 -3.14 22.22 -3.01
C GLN A 140 -3.32 20.72 -2.82
N ASP A 141 -4.15 20.14 -3.67
CA ASP A 141 -4.18 18.69 -3.88
C ASP A 141 -4.29 18.48 -5.37
N GLY A 142 -3.47 17.61 -5.90
CA GLY A 142 -3.54 17.34 -7.35
C GLY A 142 -3.24 18.56 -8.21
N LEU A 143 -2.37 19.43 -7.71
CA LEU A 143 -1.88 20.60 -8.45
C LEU A 143 -2.90 21.71 -8.72
N SER A 144 -4.04 21.33 -9.30
CA SER A 144 -5.00 22.29 -9.87
C SER A 144 -6.37 21.68 -10.16
N LYS A 145 -7.35 22.57 -10.30
CA LYS A 145 -8.70 22.24 -10.79
C LYS A 145 -8.73 21.55 -12.16
N ALA A 146 -7.70 21.71 -12.98
CA ALA A 146 -7.66 21.02 -14.27
C ALA A 146 -7.72 19.50 -14.09
N TRP A 147 -7.16 18.98 -13.00
CA TRP A 147 -7.22 17.55 -12.71
C TRP A 147 -8.33 17.13 -11.72
N GLY A 148 -9.20 18.05 -11.34
CA GLY A 148 -10.19 17.79 -10.28
C GLY A 148 -9.66 18.04 -8.88
N GLY A 149 -8.52 18.72 -8.77
CA GLY A 149 -7.96 19.01 -7.45
C GLY A 149 -8.08 20.49 -7.22
N ASN A 150 -7.10 21.07 -6.55
CA ASN A 150 -7.14 22.46 -6.18
C ASN A 150 -5.74 23.02 -6.01
N GLY A 151 -5.63 24.34 -6.05
CA GLY A 151 -4.46 25.06 -5.61
C GLY A 151 -3.88 26.06 -6.59
N PHE A 152 -3.13 25.57 -7.58
CA PHE A 152 -2.61 26.44 -8.62
C PHE A 152 -3.75 26.84 -9.53
N PRO A 153 -3.83 28.11 -9.90
CA PRO A 153 -4.85 28.50 -10.85
C PRO A 153 -4.52 27.92 -12.21
N GLU A 154 -5.55 27.55 -12.97
CA GLU A 154 -5.32 26.93 -14.28
C GLU A 154 -4.49 27.81 -15.20
N TRP A 155 -4.68 29.14 -15.16
CA TRP A 155 -3.91 30.05 -16.03
C TRP A 155 -2.39 29.88 -15.85
N ALA A 156 -1.95 29.42 -14.67
CA ALA A 156 -0.52 29.32 -14.34
C ALA A 156 0.20 28.08 -14.83
N ILE A 157 -0.56 27.06 -15.21
CA ILE A 157 -0.02 25.79 -15.69
C ILE A 157 -0.45 25.54 -17.11
N GLU A 158 0.49 25.13 -17.95
CA GLU A 158 0.21 24.80 -19.34
C GLU A 158 -0.38 23.39 -19.49
N SER A 159 0.24 22.40 -18.86
CA SER A 159 -0.18 21.03 -19.00
C SER A 159 -1.65 20.89 -18.62
N ARG A 160 -2.32 19.96 -19.29
CA ARG A 160 -3.74 19.65 -19.07
C ARG A 160 -3.92 18.17 -19.26
N PRO A 161 -4.88 17.57 -18.57
CA PRO A 161 -5.16 16.17 -18.82
C PRO A 161 -5.86 15.98 -20.15
N ARG A 162 -5.58 14.86 -20.79
CA ARG A 162 -6.27 14.39 -21.98
C ARG A 162 -7.61 13.73 -21.69
N GLU A 163 -8.55 13.84 -22.62
CA GLU A 163 -9.84 13.17 -22.50
C GLU A 163 -9.69 11.66 -22.32
N TRP A 164 -8.64 11.08 -22.88
CA TRP A 164 -8.47 9.61 -22.82
C TRP A 164 -7.52 9.15 -21.70
N GLU A 165 -7.04 10.08 -20.90
CA GLU A 165 -6.12 9.73 -19.84
C GLU A 165 -6.89 9.47 -18.53
N PRO A 166 -6.75 8.25 -17.97
CA PRO A 166 -7.57 7.94 -16.80
C PRO A 166 -7.25 8.85 -15.61
N ASN A 167 -8.28 9.29 -14.92
CA ASN A 167 -8.13 10.14 -13.75
C ASN A 167 -8.83 9.42 -12.60
N PRO A 168 -8.06 8.82 -11.70
CA PRO A 168 -8.68 8.11 -10.59
C PRO A 168 -9.04 9.03 -9.43
N GLY A 169 -8.90 10.34 -9.60
CA GLY A 169 -9.09 11.30 -8.53
C GLY A 169 -8.10 11.16 -7.41
N PHE A 170 -8.39 11.83 -6.30
CA PHE A 170 -7.52 11.85 -5.12
C PHE A 170 -7.48 10.49 -4.43
N PRO A 171 -6.28 10.01 -4.07
CA PRO A 171 -4.95 10.59 -4.20
C PRO A 171 -4.12 10.07 -5.37
N LEU A 172 -4.64 9.10 -6.13
CA LEU A 172 -3.81 8.47 -7.14
C LEU A 172 -3.58 9.33 -8.38
N TYR A 173 -4.32 10.41 -8.53
CA TYR A 173 -4.09 11.27 -9.70
C TYR A 173 -2.67 11.87 -9.75
N TYR A 174 -1.90 11.77 -8.66
CA TYR A 174 -0.50 12.17 -8.73
C TYR A 174 0.35 11.27 -9.62
N LEU A 175 -0.17 10.10 -10.00
CA LEU A 175 0.47 9.25 -10.97
C LEU A 175 0.11 9.54 -12.44
N MET A 176 -0.78 10.51 -12.68
CA MET A 176 -1.17 10.86 -14.05
C MET A 176 0.01 11.56 -14.73
N PRO A 177 0.35 11.13 -15.97
CA PRO A 177 1.49 11.75 -16.67
C PRO A 177 1.36 13.27 -16.85
N SER A 178 0.16 13.73 -17.18
CA SER A 178 -0.06 15.14 -17.47
C SER A 178 0.07 15.95 -16.18
N LEU A 179 -0.39 15.40 -15.06
CA LEU A 179 -0.25 16.08 -13.76
C LEU A 179 1.25 16.17 -13.40
N ASN A 180 2.00 15.12 -13.68
CA ASN A 180 3.45 15.13 -13.45
C ASN A 180 4.21 16.19 -14.27
N ALA A 181 3.82 16.34 -15.53
CA ALA A 181 4.34 17.41 -16.39
C ALA A 181 4.03 18.80 -15.79
N GLY A 182 2.84 18.95 -15.21
CA GLY A 182 2.51 20.19 -14.49
C GLY A 182 3.49 20.52 -13.38
N TRP A 183 3.77 19.55 -12.54
CA TRP A 183 4.72 19.74 -11.46
C TRP A 183 6.14 20.06 -11.97
N ASP A 184 6.51 19.51 -13.13
CA ASP A 184 7.81 19.78 -13.72
C ASP A 184 7.91 21.24 -14.10
N GLU A 185 6.83 21.80 -14.64
CA GLU A 185 6.76 23.23 -14.93
C GLU A 185 6.96 24.06 -13.66
N VAL A 186 6.41 23.59 -12.56
CA VAL A 186 6.58 24.27 -11.28
C VAL A 186 8.05 24.28 -10.86
N TRP A 187 8.64 23.11 -10.72
CA TRP A 187 10.03 23.03 -10.24
C TRP A 187 11.03 23.58 -11.24
N GLY A 188 10.69 23.53 -12.53
CA GLY A 188 11.53 24.11 -13.57
C GLY A 188 11.31 25.60 -13.74
N ASN A 189 10.32 26.16 -13.06
CA ASN A 189 9.88 27.53 -13.25
C ASN A 189 9.76 27.89 -14.74
N THR A 190 9.25 26.91 -15.48
CA THR A 190 9.25 26.91 -16.93
C THR A 190 8.49 28.09 -17.52
N HIS A 191 7.34 28.41 -16.92
CA HIS A 191 6.51 29.55 -17.31
C HIS A 191 6.33 30.57 -16.17
N GLY A 192 7.27 30.63 -15.23
CA GLY A 192 7.24 31.61 -14.15
C GLY A 192 6.20 31.40 -13.06
N ALA A 193 5.66 30.20 -12.96
CA ALA A 193 4.66 29.89 -11.94
C ALA A 193 5.14 30.15 -10.51
N LEU A 194 6.41 29.83 -10.21
CA LEU A 194 7.00 30.14 -8.91
C LEU A 194 7.22 31.63 -8.69
N ASP A 195 7.56 32.36 -9.76
CA ASP A 195 7.65 33.85 -9.64
C ASP A 195 6.30 34.40 -9.25
N HIS A 196 5.26 33.97 -9.92
CA HIS A 196 3.92 34.44 -9.59
C HIS A 196 3.46 34.03 -8.21
N LEU A 197 3.78 32.80 -7.82
CA LEU A 197 3.45 32.32 -6.50
C LEU A 197 4.13 33.19 -5.44
N GLY A 198 5.42 33.49 -5.64
CA GLY A 198 6.15 34.43 -4.79
C GLY A 198 5.39 35.74 -4.60
N THR A 199 4.92 36.30 -5.70
CA THR A 199 4.16 37.54 -5.65
C THR A 199 2.92 37.33 -4.79
N ALA A 200 2.21 36.22 -5.03
CA ALA A 200 0.94 35.97 -4.33
C ALA A 200 1.14 35.85 -2.82
N LEU A 201 2.14 35.05 -2.43
CA LEU A 201 2.44 34.86 -1.04
C LEU A 201 3.02 36.12 -0.41
N GLY A 202 3.79 36.88 -1.18
CA GLY A 202 4.26 38.19 -0.74
C GLY A 202 3.11 39.15 -0.39
N ALA A 203 2.06 39.13 -1.20
CA ALA A 203 0.89 39.99 -1.01
C ALA A 203 0.12 39.60 0.23
N LEU A 204 0.02 38.29 0.45
CA LEU A 204 -0.57 37.77 1.66
C LEU A 204 0.24 38.18 2.89
N ALA A 205 1.54 38.01 2.81
CA ALA A 205 2.44 38.35 3.90
C ALA A 205 2.33 39.83 4.26
N GLU A 206 2.23 40.67 3.23
CA GLU A 206 2.07 42.11 3.44
C GLU A 206 0.76 42.40 4.16
N ARG A 207 -0.33 41.75 3.75
CA ARG A 207 -1.64 42.01 4.34
C ARG A 207 -1.73 41.63 5.82
N VAL A 208 -0.99 40.62 6.26
CA VAL A 208 -1.08 40.15 7.65
C VAL A 208 0.04 40.67 8.55
N GLU A 209 0.90 41.50 7.99
CA GLU A 209 2.06 42.01 8.70
C GLU A 209 1.62 42.75 9.97
N GLY A 210 2.27 42.47 11.08
CA GLY A 210 1.92 43.11 12.32
C GLY A 210 0.77 42.49 13.11
N LYS A 211 0.09 41.46 12.59
CA LYS A 211 -0.98 40.82 13.37
C LYS A 211 -0.39 39.79 14.34
N PRO A 212 -0.57 40.02 15.66
CA PRO A 212 0.10 39.12 16.61
C PRO A 212 -0.24 37.62 16.45
N GLY A 213 -1.51 37.24 16.36
CA GLY A 213 -1.84 35.79 16.35
C GLY A 213 -1.55 34.96 15.09
N VAL A 214 -0.90 35.56 14.09
CA VAL A 214 -0.53 34.84 12.86
C VAL A 214 0.80 34.14 13.07
N MET A 215 0.78 32.81 13.12
CA MET A 215 1.99 32.07 13.44
C MET A 215 2.95 31.94 12.24
N GLY A 216 2.45 32.12 11.01
CA GLY A 216 3.29 32.06 9.82
C GLY A 216 2.55 31.69 8.55
N ILE A 217 3.31 31.52 7.48
CA ILE A 217 2.81 31.05 6.20
C ILE A 217 3.50 29.72 5.88
N GLU A 218 2.70 28.71 5.58
CA GLU A 218 3.18 27.43 5.10
C GLU A 218 3.24 27.48 3.58
N LEU A 219 4.44 27.36 3.04
CA LEU A 219 4.71 27.70 1.64
C LEU A 219 3.99 26.85 0.57
N LEU A 220 3.89 25.55 0.80
CA LEU A 220 3.17 24.72 -0.13
C LEU A 220 2.77 23.42 0.51
N ASN A 221 1.48 23.11 0.43
CA ASN A 221 0.99 21.83 0.91
C ASN A 221 1.37 20.67 0.00
N GLU A 222 1.90 19.61 0.59
CA GLU A 222 2.23 18.35 -0.11
C GLU A 222 2.86 18.47 -1.48
N PRO A 223 4.05 19.08 -1.54
CA PRO A 223 4.77 19.24 -2.81
C PRO A 223 5.16 17.91 -3.43
N TRP A 224 4.72 17.67 -4.65
CA TRP A 224 5.02 16.42 -5.39
C TRP A 224 6.20 16.67 -6.36
N PRO A 225 7.15 15.73 -6.44
CA PRO A 225 8.34 15.96 -7.26
C PRO A 225 8.14 15.84 -8.75
N GLY A 226 6.96 15.41 -9.20
CA GLY A 226 6.67 15.36 -10.62
C GLY A 226 7.34 14.15 -11.26
N SER A 227 7.73 14.30 -12.51
CA SER A 227 8.27 13.18 -13.29
C SER A 227 9.51 12.54 -12.66
N ARG A 228 10.14 13.28 -11.76
CA ARG A 228 11.29 12.83 -10.98
C ARG A 228 10.95 11.80 -9.90
N PHE A 229 9.67 11.58 -9.62
CA PHE A 229 9.31 10.99 -8.33
C PHE A 229 9.90 9.61 -8.04
N LEU A 230 10.10 8.75 -9.04
CA LEU A 230 10.72 7.43 -8.78
C LEU A 230 12.16 7.49 -8.29
N SER A 231 12.86 8.59 -8.53
CA SER A 231 14.17 8.77 -7.91
C SER A 231 14.09 8.86 -6.39
N CYS A 232 12.92 9.16 -5.84
CA CYS A 232 12.78 9.27 -4.40
C CYS A 232 12.68 7.91 -3.70
N PHE A 233 12.47 6.86 -4.47
CA PHE A 233 12.29 5.54 -3.91
C PHE A 233 13.46 4.65 -4.32
N PRO A 234 14.01 3.71 -3.42
CA PRO A 234 13.30 3.54 -2.15
C PRO A 234 13.99 4.21 -0.97
N ASN A 235 14.95 5.08 -1.23
CA ASN A 235 15.69 5.75 -0.18
C ASN A 235 15.72 7.29 -0.14
N GLY A 236 14.75 7.97 -0.75
CA GLY A 236 14.86 9.44 -0.83
C GLY A 236 15.59 9.92 -2.08
N CYS A 237 15.48 11.23 -2.31
CA CYS A 237 15.95 11.87 -3.54
C CYS A 237 16.73 13.13 -3.19
N PRO A 238 18.01 12.97 -2.82
CA PRO A 238 18.88 14.13 -2.54
C PRO A 238 18.85 15.20 -3.63
N ASP A 239 18.98 14.79 -4.89
CA ASP A 239 18.97 15.76 -6.01
C ASP A 239 17.67 16.58 -6.10
N PHE A 240 16.53 15.90 -6.13
CA PHE A 240 15.28 16.64 -6.17
C PHE A 240 15.15 17.57 -4.96
N ASP A 241 15.55 17.09 -3.78
CA ASP A 241 15.44 17.90 -2.57
C ASP A 241 16.33 19.16 -2.60
N ARG A 242 17.44 19.11 -3.33
CA ARG A 242 18.20 20.33 -3.56
C ARG A 242 17.36 21.29 -4.39
N THR A 243 16.67 20.79 -5.42
CA THR A 243 15.80 21.64 -6.25
C THR A 243 14.64 22.19 -5.40
N TYR A 244 13.99 21.31 -4.66
CA TYR A 244 12.86 21.70 -3.83
C TYR A 244 13.25 22.75 -2.79
N GLN A 245 14.40 22.57 -2.16
CA GLN A 245 14.82 23.51 -1.11
C GLN A 245 15.14 24.90 -1.66
N ALA A 246 15.72 24.94 -2.85
CA ALA A 246 16.00 26.19 -3.54
C ALA A 246 14.69 26.87 -3.91
N ALA A 247 13.71 26.10 -4.36
CA ALA A 247 12.40 26.67 -4.59
C ALA A 247 11.79 27.27 -3.31
N MET A 248 11.90 26.56 -2.20
CA MET A 248 11.28 27.02 -0.95
C MET A 248 11.99 28.26 -0.43
N GLN A 249 13.31 28.28 -0.58
CA GLN A 249 14.13 29.44 -0.20
C GLN A 249 13.76 30.66 -1.02
N LYS A 250 13.57 30.45 -2.31
CA LYS A 250 13.13 31.52 -3.19
C LYS A 250 11.76 32.11 -2.78
N LEU A 251 10.77 31.26 -2.53
CA LEU A 251 9.49 31.73 -2.02
C LEU A 251 9.67 32.39 -0.66
N THR A 252 10.56 31.87 0.18
CA THR A 252 10.83 32.45 1.49
C THR A 252 11.35 33.86 1.33
N ASP A 253 12.30 34.04 0.41
CA ASP A 253 12.89 35.37 0.17
C ASP A 253 11.87 36.34 -0.41
N ALA A 254 10.93 35.85 -1.21
CA ALA A 254 9.84 36.70 -1.74
C ALA A 254 8.89 37.11 -0.62
N VAL A 255 8.59 36.19 0.27
CA VAL A 255 7.76 36.52 1.43
C VAL A 255 8.45 37.58 2.30
N ARG A 256 9.73 37.36 2.60
CA ARG A 256 10.46 38.15 3.57
C ARG A 256 10.76 39.58 3.04
N ALA A 257 10.87 39.72 1.73
CA ALA A 257 10.88 41.02 1.05
C ALA A 257 9.67 41.92 1.36
N GLN A 258 8.52 41.33 1.63
CA GLN A 258 7.30 42.06 1.95
C GLN A 258 7.03 42.16 3.45
N ASN A 259 7.45 41.15 4.21
CA ASN A 259 7.15 41.02 5.63
C ASN A 259 8.36 40.38 6.27
N PRO A 260 9.31 41.21 6.75
CA PRO A 260 10.64 40.72 7.10
C PRO A 260 10.71 39.77 8.28
N THR A 261 9.68 39.66 9.09
CA THR A 261 9.75 38.82 10.27
C THR A 261 8.78 37.62 10.28
N ILE A 262 7.84 37.53 9.34
CA ILE A 262 6.81 36.50 9.43
C ILE A 262 7.42 35.08 9.38
N PRO A 263 7.06 34.21 10.33
CA PRO A 263 7.64 32.86 10.22
C PRO A 263 7.17 32.11 8.97
N VAL A 264 8.04 31.23 8.44
CA VAL A 264 7.68 30.34 7.35
C VAL A 264 7.78 28.86 7.69
N TYR A 265 6.80 28.11 7.20
CA TYR A 265 6.63 26.71 7.50
C TYR A 265 6.93 25.95 6.21
N TRP A 266 7.88 25.03 6.29
CA TRP A 266 8.36 24.25 5.15
C TRP A 266 8.00 22.78 5.33
N GLU A 267 7.32 22.22 4.34
CA GLU A 267 7.03 20.80 4.36
C GLU A 267 8.18 20.03 3.74
N PRO A 268 8.34 18.77 4.16
CA PRO A 268 9.16 17.89 3.34
C PRO A 268 8.43 17.61 2.02
N ASN A 269 9.14 17.18 0.99
CA ASN A 269 8.47 16.77 -0.23
C ASN A 269 7.60 15.58 0.14
N VAL A 270 6.45 15.45 -0.50
CA VAL A 270 5.38 14.57 -0.02
C VAL A 270 5.64 13.07 -0.20
N THR A 271 6.77 12.65 -0.79
CA THR A 271 7.16 11.22 -0.75
C THR A 271 7.52 10.81 0.68
N TRP A 272 7.74 11.81 1.53
CA TRP A 272 7.58 11.68 3.00
C TRP A 272 6.40 10.81 3.42
N ASN A 273 5.24 11.03 2.81
CA ASN A 273 4.03 10.30 3.20
C ASN A 273 4.03 8.85 2.71
N GLN A 274 4.94 8.52 1.79
CA GLN A 274 5.18 7.13 1.39
C GLN A 274 6.51 6.63 1.96
N MET A 275 6.84 7.12 3.16
CA MET A 275 7.97 6.63 3.99
C MET A 275 9.38 6.97 3.50
N MET A 276 9.51 7.92 2.57
CA MET A 276 10.85 8.26 2.09
C MET A 276 11.42 9.38 2.93
N PRO A 277 12.72 9.31 3.27
CA PRO A 277 13.25 10.35 4.14
C PRO A 277 13.44 11.68 3.39
N SER A 278 13.52 12.75 4.15
CA SER A 278 13.78 14.08 3.60
C SER A 278 15.26 14.39 3.67
N ASN A 279 15.74 15.17 2.71
CA ASN A 279 17.15 15.54 2.65
C ASN A 279 17.29 17.07 2.78
N LEU A 280 16.28 17.69 3.40
CA LEU A 280 16.37 19.13 3.66
C LEU A 280 17.45 19.43 4.69
N PHE A 281 18.07 20.59 4.55
CA PHE A 281 19.02 21.10 5.55
C PHE A 281 20.14 20.12 5.85
N ALA A 282 20.73 19.58 4.80
CA ALA A 282 21.67 18.47 4.93
C ALA A 282 22.94 18.75 4.12
N PRO A 283 23.74 19.75 4.53
CA PRO A 283 24.97 20.04 3.80
C PRO A 283 25.95 18.86 3.85
N PRO A 284 26.70 18.64 2.78
CA PRO A 284 26.83 19.46 1.57
C PRO A 284 25.81 19.18 0.49
N VAL A 285 24.91 18.24 0.69
CA VAL A 285 23.97 17.89 -0.37
C VAL A 285 22.94 19.03 -0.57
N THR A 286 22.37 19.50 0.52
CA THR A 286 21.53 20.70 0.50
C THR A 286 22.09 21.72 1.49
N PRO A 287 21.82 23.02 1.29
CA PRO A 287 22.44 24.00 2.19
C PRO A 287 21.89 23.97 3.59
N ALA A 288 22.72 24.32 4.56
CA ALA A 288 22.24 24.55 5.90
C ALA A 288 21.32 25.77 5.88
N LEU A 289 20.42 25.82 6.84
CA LEU A 289 19.49 26.93 7.01
C LEU A 289 20.23 28.17 7.43
N THR A 290 20.06 29.27 6.71
CA THR A 290 20.59 30.57 7.15
C THR A 290 19.46 31.60 7.26
N THR A 291 18.23 31.12 7.35
CA THR A 291 17.07 31.98 7.51
C THR A 291 16.49 31.72 8.88
N ALA A 292 16.19 32.78 9.59
CA ALA A 292 15.55 32.66 10.89
C ALA A 292 14.05 32.38 10.76
N ASP A 293 13.50 31.78 11.81
CA ASP A 293 12.06 31.53 11.92
C ASP A 293 11.53 30.69 10.77
N VAL A 294 12.13 29.51 10.67
CA VAL A 294 11.68 28.48 9.75
C VAL A 294 11.28 27.29 10.59
N VAL A 295 10.09 26.77 10.34
CA VAL A 295 9.55 25.67 11.10
C VAL A 295 9.26 24.53 10.16
N PHE A 296 9.55 23.31 10.61
CA PHE A 296 9.34 22.11 9.83
C PHE A 296 7.90 21.65 10.01
N ALA A 297 7.25 21.32 8.89
CA ALA A 297 5.80 21.10 8.81
C ALA A 297 5.44 19.77 8.17
N PRO A 298 5.81 18.63 8.78
CA PRO A 298 5.49 17.34 8.23
C PRO A 298 4.05 16.91 8.50
N HIS A 299 3.58 15.98 7.71
CA HIS A 299 2.31 15.31 7.94
C HIS A 299 2.61 13.94 8.54
N ASP A 300 1.60 13.36 9.23
CA ASP A 300 1.74 12.04 9.88
C ASP A 300 0.48 11.22 9.62
N TYR A 301 0.48 10.48 8.53
CA TYR A 301 -0.66 9.65 8.18
C TYR A 301 -0.31 8.17 8.21
N CYS A 302 -1.33 7.35 8.47
CA CYS A 302 -1.24 5.92 8.34
C CYS A 302 -1.70 5.56 6.91
N ILE A 303 -0.81 4.99 6.12
CA ILE A 303 -1.12 4.61 4.76
C ILE A 303 -2.34 3.68 4.66
N PRO A 304 -2.34 2.56 5.39
CA PRO A 304 -3.49 1.70 5.22
C PRO A 304 -4.76 2.36 5.70
N SER A 305 -4.68 3.24 6.68
CA SER A 305 -5.89 3.96 7.07
C SER A 305 -6.42 4.78 5.90
N GLN A 306 -5.53 5.50 5.25
CA GLN A 306 -5.90 6.35 4.11
C GLN A 306 -6.39 5.54 2.89
N LEU A 307 -5.72 4.43 2.63
CA LEU A 307 -6.14 3.47 1.58
C LEU A 307 -7.54 2.93 1.80
N ALA A 308 -7.88 2.67 3.05
CA ALA A 308 -9.22 2.18 3.40
C ALA A 308 -10.24 3.27 3.12
N ILE A 309 -9.90 4.52 3.47
CA ILE A 309 -10.83 5.63 3.26
C ILE A 309 -11.02 5.93 1.76
N TYR A 310 -9.94 6.09 1.01
CA TYR A 310 -10.03 6.55 -0.40
C TYR A 310 -10.16 5.44 -1.44
N LEU A 311 -9.63 4.25 -1.13
CA LEU A 311 -9.68 3.11 -2.06
C LEU A 311 -10.65 2.01 -1.65
N GLY A 312 -11.18 2.07 -0.43
CA GLY A 312 -12.05 1.00 0.08
C GLY A 312 -11.33 -0.30 0.39
N LEU A 313 -10.01 -0.26 0.57
CA LEU A 313 -9.22 -1.45 0.94
C LEU A 313 -9.45 -1.87 2.40
N PRO A 314 -9.10 -3.14 2.75
CA PRO A 314 -9.46 -3.65 4.07
C PRO A 314 -8.92 -2.83 5.24
N GLN A 315 -9.83 -2.51 6.15
CA GLN A 315 -9.50 -1.75 7.33
C GLN A 315 -8.53 -2.49 8.24
N ALA A 316 -8.55 -3.82 8.22
CA ALA A 316 -7.68 -4.60 9.11
C ALA A 316 -6.18 -4.49 8.76
N LEU A 317 -5.86 -3.94 7.58
CA LEU A 317 -4.47 -3.61 7.23
C LEU A 317 -3.85 -2.52 8.13
N ARG A 318 -4.69 -1.86 8.92
CA ARG A 318 -4.21 -0.84 9.88
C ARG A 318 -3.35 -1.40 11.01
N GLY A 319 -3.25 -2.72 11.11
CA GLY A 319 -2.25 -3.36 11.99
C GLY A 319 -0.83 -2.86 11.71
N LEU A 320 -0.60 -2.43 10.48
CA LEU A 320 0.68 -1.85 10.12
C LEU A 320 0.92 -0.38 10.58
N CYS A 321 -0.08 0.29 11.11
CA CYS A 321 0.05 1.74 11.37
C CYS A 321 1.21 2.09 12.32
N VAL A 322 1.39 1.30 13.38
CA VAL A 322 2.37 1.63 14.41
C VAL A 322 3.79 1.62 13.87
N PRO A 323 4.22 0.51 13.25
CA PRO A 323 5.60 0.54 12.74
C PRO A 323 5.81 1.58 11.65
N GLN A 324 4.80 1.76 10.82
CA GLN A 324 4.92 2.73 9.75
C GLN A 324 5.01 4.17 10.33
N GLN A 325 4.12 4.50 11.24
CA GLN A 325 4.18 5.83 11.88
C GLN A 325 5.42 6.02 12.76
N ASP A 326 5.93 4.96 13.36
CA ASP A 326 7.21 5.07 14.06
C ASP A 326 8.36 5.48 13.16
N LEU A 327 8.30 5.04 11.90
CA LEU A 327 9.32 5.44 10.93
C LEU A 327 9.31 6.97 10.71
N THR A 328 8.11 7.51 10.50
CA THR A 328 7.93 8.95 10.34
C THR A 328 8.53 9.74 11.50
N TRP A 329 8.23 9.30 12.72
CA TRP A 329 8.73 10.01 13.89
C TRP A 329 10.25 9.91 14.01
N SER A 330 10.80 8.79 13.59
CA SER A 330 12.25 8.66 13.50
C SER A 330 12.84 9.63 12.47
N ASN A 331 12.20 9.74 11.31
CA ASN A 331 12.58 10.75 10.33
C ASN A 331 12.50 12.18 10.88
N ILE A 332 11.46 12.47 11.66
CA ILE A 332 11.33 13.78 12.32
C ILE A 332 12.50 14.02 13.30
N ASP A 333 12.84 13.04 14.13
CA ASP A 333 13.96 13.23 15.06
C ASP A 333 15.25 13.55 14.32
N ALA A 334 15.42 12.97 13.14
CA ALA A 334 16.63 13.18 12.34
C ALA A 334 16.71 14.61 11.82
N ILE A 335 15.59 15.16 11.40
CA ILE A 335 15.52 16.57 11.02
C ILE A 335 15.80 17.48 12.22
N THR A 336 15.13 17.19 13.33
CA THR A 336 15.33 17.91 14.57
C THR A 336 16.81 17.94 14.94
N GLU A 337 17.47 16.80 14.90
CA GLU A 337 18.87 16.70 15.31
C GLU A 337 19.79 17.54 14.43
N ARG A 338 19.65 17.47 13.11
CA ARG A 338 20.60 18.17 12.24
C ARG A 338 20.26 19.63 11.98
N ALA A 339 18.98 19.99 12.10
CA ALA A 339 18.54 21.38 11.84
C ALA A 339 18.23 22.20 13.09
N ASN A 340 17.89 21.56 14.18
CA ASN A 340 17.58 22.28 15.42
C ASN A 340 16.54 23.39 15.17
N VAL A 341 15.44 23.03 14.53
CA VAL A 341 14.32 23.95 14.35
C VAL A 341 13.07 23.31 14.89
N PRO A 342 12.01 24.10 15.09
CA PRO A 342 10.79 23.50 15.61
C PRO A 342 10.07 22.65 14.58
N THR A 343 9.15 21.82 15.08
CA THR A 343 8.30 21.01 14.23
C THR A 343 6.86 21.16 14.70
N VAL A 344 5.94 21.24 13.74
CA VAL A 344 4.50 21.13 13.98
C VAL A 344 3.93 20.12 12.99
N ILE A 345 3.14 19.18 13.48
CA ILE A 345 2.48 18.23 12.58
C ILE A 345 1.27 18.94 11.98
N THR A 346 1.35 19.32 10.72
CA THR A 346 0.31 20.17 10.17
C THR A 346 -0.94 19.46 9.65
N SER A 347 -0.92 18.13 9.58
CA SER A 347 -2.15 17.36 9.44
C SER A 347 -1.94 15.88 9.72
N PHE A 348 -2.98 15.29 10.27
CA PHE A 348 -3.04 13.88 10.62
C PHE A 348 -4.49 13.53 10.90
N GLY A 349 -4.80 12.26 11.05
CA GLY A 349 -6.09 11.89 11.58
C GLY A 349 -7.11 11.48 10.55
N ASP A 350 -7.76 12.49 9.99
CA ASP A 350 -8.74 12.33 8.94
C ASP A 350 -9.89 11.43 9.36
N GLY A 351 -10.35 11.60 10.60
CA GLY A 351 -11.58 10.94 11.03
C GLY A 351 -11.44 9.51 11.52
N ASP A 352 -10.22 8.97 11.56
CA ASP A 352 -10.03 7.60 11.97
C ASP A 352 -9.58 7.55 13.42
N PRO A 353 -10.45 7.12 14.33
CA PRO A 353 -10.09 7.22 15.75
C PRO A 353 -8.99 6.28 16.16
N THR A 354 -8.79 5.20 15.41
CA THR A 354 -7.89 4.12 15.79
C THR A 354 -6.41 4.49 15.60
N VAL A 355 -6.12 5.48 14.76
CA VAL A 355 -4.73 5.84 14.47
C VAL A 355 -4.22 7.05 15.24
N LEU A 356 -5.12 7.74 15.94
CA LEU A 356 -4.77 9.01 16.57
C LEU A 356 -3.68 8.89 17.61
N LYS A 357 -3.73 7.81 18.37
CA LYS A 357 -2.80 7.57 19.48
C LYS A 357 -1.36 7.57 19.02
N ASN A 358 -1.14 7.10 17.79
CA ASN A 358 0.19 7.02 17.25
C ASN A 358 0.79 8.41 17.17
N THR A 359 0.03 9.34 16.59
CA THR A 359 0.48 10.71 16.52
C THR A 359 0.55 11.34 17.90
N LEU A 360 -0.53 11.21 18.66
CA LEU A 360 -0.66 11.95 19.91
C LEU A 360 0.40 11.59 20.94
N ALA A 361 0.67 10.30 21.10
CA ALA A 361 1.68 9.84 22.06
C ALA A 361 3.10 10.22 21.65
N ARG A 362 3.41 10.10 20.37
CA ARG A 362 4.75 10.43 19.89
C ARG A 362 5.00 11.94 19.93
N ALA A 363 3.99 12.71 19.57
CA ALA A 363 4.04 14.17 19.70
C ALA A 363 4.24 14.55 21.15
N ASP A 364 3.51 13.92 22.07
CA ASP A 364 3.68 14.25 23.51
C ASP A 364 5.10 13.97 23.98
N GLU A 365 5.66 12.88 23.49
CA GLU A 365 7.01 12.48 23.82
C GLU A 365 8.04 13.52 23.46
N ARG A 366 7.84 14.19 22.35
CA ARG A 366 8.80 15.19 21.89
C ARG A 366 8.34 16.61 22.17
N PHE A 367 7.16 16.76 22.78
CA PHE A 367 6.57 18.05 23.06
C PHE A 367 6.41 18.84 21.77
N ILE A 368 5.76 18.18 20.82
CA ILE A 368 5.56 18.72 19.49
C ILE A 368 4.06 18.90 19.30
N GLY A 369 3.67 20.05 18.77
CA GLY A 369 2.26 20.29 18.52
C GLY A 369 1.73 19.80 17.18
N TRP A 370 0.45 20.07 16.94
CA TRP A 370 -0.23 19.49 15.82
C TRP A 370 -1.52 20.16 15.46
N GLN A 371 -1.94 19.89 14.23
CA GLN A 371 -3.21 20.36 13.69
C GLN A 371 -3.93 19.20 12.99
N TYR A 372 -5.09 18.85 13.51
CA TYR A 372 -5.89 17.72 13.06
C TYR A 372 -6.63 18.01 11.77
N TRP A 373 -6.71 17.01 10.89
CA TRP A 373 -7.49 17.05 9.65
C TRP A 373 -8.79 16.26 9.88
N HIS A 374 -9.99 16.88 9.90
CA HIS A 374 -10.25 18.27 9.50
C HIS A 374 -11.45 18.80 10.25
N PHE A 375 -11.56 20.13 10.41
CA PHE A 375 -12.70 20.77 11.12
C PHE A 375 -13.43 21.72 10.17
N GLY A 376 -14.67 21.37 9.82
CA GLY A 376 -15.45 22.14 8.81
C GLY A 376 -16.21 23.27 9.48
N ALA A 377 -16.66 24.24 8.69
CA ALA A 377 -17.48 25.35 9.20
C ALA A 377 -18.98 25.01 9.27
N GLY A 378 -19.68 25.68 10.17
CA GLY A 378 -21.13 25.50 10.33
C GLY A 378 -21.54 24.19 10.97
N ASN A 379 -20.89 23.81 12.07
CA ASN A 379 -21.26 22.58 12.75
C ASN A 379 -22.60 22.80 13.45
N ALA A 380 -23.60 21.98 13.13
CA ALA A 380 -24.87 22.03 13.87
C ALA A 380 -24.66 21.39 15.26
N THR A 381 -23.78 20.41 15.34
CA THR A 381 -23.46 19.79 16.63
C THR A 381 -21.95 19.78 16.83
N ASP A 382 -21.55 19.56 18.07
CA ASP A 382 -20.15 19.53 18.44
C ASP A 382 -19.54 18.20 17.98
N PRO A 383 -18.61 18.22 17.00
CA PRO A 383 -18.01 16.99 16.50
C PRO A 383 -16.93 16.32 17.39
N PHE A 384 -16.62 16.90 18.55
CA PHE A 384 -15.57 16.35 19.43
C PHE A 384 -16.13 15.57 20.61
N LEU A 385 -17.41 15.20 20.53
CA LEU A 385 -18.09 14.48 21.59
C LEU A 385 -18.08 12.96 21.46
N GLY A 386 -17.41 12.43 20.44
CA GLY A 386 -17.27 10.98 20.26
C GLY A 386 -15.84 10.49 20.40
N GLU A 387 -15.53 9.39 19.74
CA GLU A 387 -14.25 8.70 19.91
C GLU A 387 -13.04 9.57 19.48
N VAL A 388 -13.23 10.37 18.45
CA VAL A 388 -12.15 11.25 17.99
C VAL A 388 -11.86 12.31 19.05
N GLY A 389 -12.87 13.04 19.48
CA GLY A 389 -12.65 14.14 20.42
C GLY A 389 -12.09 13.69 21.77
N ARG A 390 -12.51 12.50 22.18
CA ARG A 390 -12.01 11.90 23.40
C ARG A 390 -10.48 11.90 23.49
N GLN A 391 -9.82 11.76 22.35
CA GLN A 391 -8.36 11.74 22.28
C GLN A 391 -7.72 13.08 21.91
N LEU A 392 -8.40 13.87 21.10
CA LEU A 392 -7.93 15.18 20.70
C LEU A 392 -8.08 16.21 21.78
N VAL A 393 -9.14 16.09 22.57
CA VAL A 393 -9.40 17.03 23.65
C VAL A 393 -8.63 16.55 24.87
N ARG A 394 -7.67 17.36 25.32
CA ARG A 394 -6.68 16.90 26.27
C ARG A 394 -6.36 17.99 27.28
N THR A 395 -5.83 17.57 28.42
CA THR A 395 -5.26 18.51 29.33
C THR A 395 -3.82 18.69 28.88
N TYR A 396 -3.37 19.92 28.66
CA TYR A 396 -2.00 20.12 28.18
C TYR A 396 -1.53 21.53 28.42
N PRO A 397 -0.20 21.73 28.48
CA PRO A 397 0.42 23.04 28.73
C PRO A 397 0.51 23.90 27.47
N GLN A 398 -0.43 24.83 27.36
CA GLN A 398 -0.46 25.73 26.22
C GLN A 398 0.80 26.59 26.21
N ALA A 399 1.26 26.99 27.37
CA ALA A 399 2.46 27.80 27.46
C ALA A 399 3.18 27.47 28.77
N THR A 400 4.49 27.24 28.67
CA THR A 400 5.31 26.87 29.82
C THR A 400 6.36 27.94 30.10
N ALA A 401 6.40 28.37 31.35
CA ALA A 401 7.40 29.36 31.79
C ALA A 401 8.61 28.57 32.21
N GLY A 402 9.20 27.91 31.22
CA GLY A 402 10.29 26.96 31.47
C GLY A 402 10.58 26.03 30.30
N GLU A 403 11.60 25.21 30.50
CA GLU A 403 12.02 24.18 29.57
C GLU A 403 11.17 22.95 29.85
N PRO A 404 10.31 22.57 28.89
CA PRO A 404 9.50 21.36 29.03
C PRO A 404 10.33 20.11 29.33
N GLY A 405 9.89 19.35 30.32
CA GLY A 405 10.39 17.99 30.55
C GLY A 405 9.29 17.06 30.09
N ARG A 406 9.25 15.85 30.64
CA ARG A 406 8.32 14.82 30.19
C ARG A 406 6.87 15.11 30.61
N MET A 407 5.94 14.62 29.80
CA MET A 407 4.54 14.88 29.95
C MET A 407 3.78 13.63 29.57
N ILE A 408 2.65 13.39 30.23
CA ILE A 408 1.75 12.34 29.81
C ILE A 408 0.31 12.69 30.12
N PHE A 409 -0.57 12.30 29.21
CA PHE A 409 -1.99 12.42 29.39
C PHE A 409 -2.67 11.10 29.09
N ASP A 410 -3.57 10.67 29.97
CA ASP A 410 -4.36 9.45 29.76
C ASP A 410 -5.73 9.85 29.26
N ALA A 411 -6.00 9.59 28.00
CA ALA A 411 -7.24 10.01 27.37
C ALA A 411 -8.51 9.19 27.78
N ASP A 412 -8.33 8.09 28.49
CA ASP A 412 -9.49 7.35 29.02
C ASP A 412 -10.03 7.99 30.32
N ASN A 413 -9.16 8.27 31.28
CA ASN A 413 -9.61 8.81 32.57
C ASN A 413 -9.10 10.22 32.92
N GLY A 414 -8.30 10.82 32.07
CA GLY A 414 -7.90 12.21 32.28
C GLY A 414 -6.66 12.43 33.12
N ASP A 415 -6.00 11.35 33.56
CA ASP A 415 -4.79 11.51 34.36
C ASP A 415 -3.72 12.29 33.58
N PHE A 416 -3.05 13.23 34.24
CA PHE A 416 -2.08 14.09 33.60
C PHE A 416 -0.91 14.36 34.51
N ALA A 417 0.28 14.37 33.95
CA ALA A 417 1.48 14.73 34.70
C ALA A 417 2.44 15.43 33.79
N TYR A 418 3.15 16.39 34.36
CA TYR A 418 4.10 17.17 33.60
C TYR A 418 5.17 17.71 34.51
N ARG A 419 6.41 17.66 34.06
CA ARG A 419 7.51 18.25 34.77
C ARG A 419 8.24 19.22 33.85
N PHE A 420 8.70 20.33 34.41
CA PHE A 420 9.48 21.27 33.60
C PHE A 420 10.47 22.02 34.46
N THR A 421 11.46 22.63 33.81
CA THR A 421 12.50 23.40 34.48
C THR A 421 12.17 24.87 34.30
N PRO A 422 11.92 25.58 35.41
CA PRO A 422 11.55 26.99 35.30
C PRO A 422 12.57 27.84 34.56
N ARG A 423 12.07 28.85 33.86
CA ARG A 423 12.91 29.80 33.14
C ARG A 423 12.27 31.17 33.34
N ALA A 424 13.05 32.24 33.27
CA ALA A 424 12.48 33.57 33.42
C ALA A 424 11.42 33.84 32.33
N ALA A 425 10.23 34.23 32.76
CA ALA A 425 9.12 34.55 31.87
C ALA A 425 8.33 35.60 32.58
N THR A 426 7.45 36.28 31.85
CA THR A 426 6.65 37.36 32.45
C THR A 426 5.20 36.93 32.66
N ARG A 427 4.93 35.65 32.41
CA ARG A 427 3.64 35.08 32.72
C ARG A 427 3.86 33.68 33.24
N PRO A 428 2.91 33.18 34.02
CA PRO A 428 2.95 31.82 34.51
C PRO A 428 2.68 30.78 33.41
N THR A 429 2.99 29.54 33.76
CA THR A 429 2.63 28.38 32.97
C THR A 429 1.14 28.25 32.96
N GLU A 430 0.58 28.00 31.78
CA GLU A 430 -0.87 27.87 31.63
C GLU A 430 -1.16 26.51 31.05
N ILE A 431 -2.00 25.76 31.74
CA ILE A 431 -2.34 24.40 31.35
C ILE A 431 -3.82 24.34 31.15
N PHE A 432 -4.24 24.04 29.92
CA PHE A 432 -5.65 23.88 29.64
C PHE A 432 -6.12 22.55 30.20
N VAL A 433 -7.32 22.54 30.82
CA VAL A 433 -7.85 21.35 31.47
C VAL A 433 -9.01 20.84 30.66
N SER A 434 -8.97 19.56 30.27
CA SER A 434 -10.03 19.02 29.41
C SER A 434 -11.42 19.26 29.98
N ASP A 435 -12.35 19.73 29.15
CA ASP A 435 -13.73 19.88 29.57
C ASP A 435 -14.52 18.59 29.41
N LEU A 436 -13.88 17.51 28.94
CA LEU A 436 -14.55 16.21 28.78
C LEU A 436 -14.19 15.14 29.79
N HIS A 437 -13.01 15.22 30.42
CA HIS A 437 -12.50 14.09 31.21
C HIS A 437 -12.76 14.13 32.73
N TYR A 438 -13.33 15.23 33.21
CA TYR A 438 -13.54 15.44 34.65
C TYR A 438 -15.00 15.82 34.95
N PRO A 439 -15.94 14.86 34.89
CA PRO A 439 -17.33 15.19 35.17
C PRO A 439 -17.64 15.55 36.63
N ASP A 440 -16.77 15.17 37.57
CA ASP A 440 -16.94 15.55 38.96
C ASP A 440 -15.95 16.61 39.38
N GLY A 441 -15.38 17.33 38.41
CA GLY A 441 -14.35 18.32 38.70
C GLY A 441 -13.00 17.65 38.71
N TYR A 442 -11.95 18.42 38.98
CA TYR A 442 -10.58 17.91 38.95
C TYR A 442 -9.82 18.39 40.15
N ALA A 443 -8.78 17.64 40.49
CA ALA A 443 -7.84 18.03 41.51
C ALA A 443 -6.49 18.37 40.86
N VAL A 444 -5.71 19.22 41.55
CA VAL A 444 -4.36 19.63 41.10
C VAL A 444 -3.34 19.53 42.23
N GLN A 445 -2.18 18.96 41.95
CA GLN A 445 -1.06 18.98 42.88
C GLN A 445 0.15 19.53 42.16
N VAL A 446 0.90 20.39 42.83
CA VAL A 446 2.13 20.90 42.30
C VAL A 446 3.25 20.71 43.31
N ASP A 447 4.34 20.12 42.83
CA ASP A 447 5.57 20.05 43.57
C ASP A 447 6.53 21.07 42.97
N GLY A 448 7.10 21.93 43.81
CA GLY A 448 8.06 22.92 43.35
C GLY A 448 7.40 24.21 42.89
N GLY A 449 6.11 24.33 43.17
CA GLY A 449 5.35 25.49 42.72
C GLY A 449 3.98 25.59 43.33
N GLN A 450 3.26 26.62 42.89
CA GLN A 450 1.93 26.97 43.37
C GLN A 450 0.91 27.14 42.25
N VAL A 451 -0.30 26.64 42.48
CA VAL A 451 -1.42 26.86 41.60
C VAL A 451 -2.01 28.19 41.98
N THR A 452 -2.11 29.11 41.04
CA THR A 452 -2.65 30.44 41.36
C THR A 452 -4.04 30.67 40.77
N SER A 453 -4.57 29.69 40.07
CA SER A 453 -5.90 29.83 39.50
C SER A 453 -6.95 29.28 40.46
N ALA A 454 -8.20 29.60 40.20
CA ALA A 454 -9.31 29.24 41.08
C ALA A 454 -9.81 27.82 40.86
N PRO A 455 -10.40 27.19 41.91
CA PRO A 455 -11.08 25.90 41.78
C PRO A 455 -11.93 25.81 40.52
N GLY A 456 -11.76 24.74 39.75
CA GLY A 456 -12.57 24.53 38.55
C GLY A 456 -12.29 25.40 37.33
N ALA A 457 -11.24 26.21 37.36
CA ALA A 457 -10.88 27.05 36.20
C ALA A 457 -10.54 26.17 34.99
N ARG A 458 -10.91 26.65 33.80
CA ARG A 458 -10.57 25.95 32.57
C ARG A 458 -9.06 26.03 32.28
N ILE A 459 -8.39 27.06 32.82
CA ILE A 459 -6.93 27.17 32.77
C ILE A 459 -6.29 27.14 34.14
N VAL A 460 -5.41 26.17 34.34
CA VAL A 460 -4.59 26.12 35.53
C VAL A 460 -3.33 26.95 35.30
N THR A 461 -3.11 27.90 36.20
CA THR A 461 -1.91 28.72 36.18
C THR A 461 -1.01 28.30 37.32
N VAL A 462 0.26 28.14 37.00
CA VAL A 462 1.24 27.61 37.92
C VAL A 462 2.42 28.53 37.93
N VAL A 463 2.83 28.95 39.13
CA VAL A 463 4.06 29.75 39.32
C VAL A 463 5.11 28.91 40.05
N ALA A 464 6.35 28.94 39.57
CA ALA A 464 7.43 28.18 40.17
C ALA A 464 7.84 28.75 41.54
N ASP A 465 8.13 27.87 42.50
CA ASP A 465 8.63 28.32 43.81
C ASP A 465 10.06 28.82 43.69
N GLY A 466 10.83 28.25 42.75
CA GLY A 466 12.26 28.55 42.64
C GLY A 466 12.86 28.15 41.31
N SER A 467 14.16 27.92 41.31
CA SER A 467 14.89 27.45 40.14
C SER A 467 14.76 25.95 39.87
N GLY A 468 14.32 25.17 40.86
CA GLY A 468 14.25 23.71 40.72
C GLY A 468 13.03 23.27 39.94
N PRO A 469 12.98 21.99 39.55
CA PRO A 469 11.92 21.57 38.65
C PRO A 469 10.54 21.55 39.28
N VAL A 470 9.52 21.73 38.45
CA VAL A 470 8.16 21.77 38.89
C VAL A 470 7.45 20.55 38.34
N THR A 471 6.65 19.91 39.17
CA THR A 471 5.86 18.78 38.74
C THR A 471 4.39 19.08 39.00
N VAL A 472 3.57 18.93 37.97
CA VAL A 472 2.16 19.17 38.03
C VAL A 472 1.42 17.90 37.74
N LYS A 473 0.43 17.60 38.57
CA LYS A 473 -0.45 16.47 38.38
C LYS A 473 -1.86 17.01 38.40
N ILE A 474 -2.64 16.62 37.39
CA ILE A 474 -4.03 17.00 37.30
C ILE A 474 -4.81 15.72 37.06
N ASN A 475 -5.92 15.55 37.76
CA ASN A 475 -6.70 14.32 37.65
C ASN A 475 -8.06 14.40 38.33
N ARG A 476 -8.88 13.41 38.06
CA ARG A 476 -10.11 13.23 38.82
C ARG A 476 -9.79 13.16 40.32
N PRO A 477 -10.68 13.74 41.17
CA PRO A 477 -10.36 13.83 42.61
C PRO A 477 -10.03 12.48 43.28
N GLY A 478 -10.67 11.40 42.86
CA GLY A 478 -10.36 10.10 43.44
C GLY A 478 -9.34 9.22 42.74
N SER A 479 -8.68 9.74 41.71
CA SER A 479 -7.61 9.02 41.03
C SER A 479 -6.30 9.15 41.80
N ALA A 480 -5.49 8.10 41.76
CA ALA A 480 -4.10 8.14 42.22
C ALA A 480 -3.24 8.94 41.26
N GLY A 481 -3.72 9.11 40.03
CA GLY A 481 -3.09 10.01 39.08
C GLY A 481 -1.99 9.34 38.31
N ALA A 482 -1.30 10.12 37.50
CA ALA A 482 -0.23 9.59 36.67
C ALA A 482 1.10 10.00 37.24
N GLU A 483 2.14 9.36 36.75
CA GLU A 483 3.50 9.69 37.11
C GLU A 483 4.21 10.23 35.89
N VAL A 484 5.17 11.13 36.09
CA VAL A 484 5.94 11.65 34.97
C VAL A 484 6.76 10.50 34.37
N PRO A 485 6.69 10.31 33.04
CA PRO A 485 7.57 9.31 32.37
C PRO A 485 9.06 9.67 32.47
N ASP A 486 9.96 8.69 32.32
CA ASP A 486 11.42 8.97 32.39
C ASP A 486 12.31 7.91 31.75
N PRO B 37 3.69 -49.02 -8.83
CA PRO B 37 3.47 -49.03 -10.29
C PRO B 37 2.72 -47.78 -10.81
N ALA B 38 3.43 -46.67 -10.94
CA ALA B 38 2.84 -45.36 -11.25
C ALA B 38 1.76 -45.40 -12.35
N THR B 39 0.63 -44.78 -12.05
CA THR B 39 -0.42 -44.64 -13.05
C THR B 39 0.10 -43.72 -14.15
N PRO B 40 -0.08 -44.12 -15.41
CA PRO B 40 0.48 -43.28 -16.48
C PRO B 40 -0.18 -41.90 -16.55
N ILE B 41 0.64 -40.86 -16.70
CA ILE B 41 0.13 -39.50 -16.71
C ILE B 41 -0.74 -39.22 -17.95
N THR B 42 -1.76 -38.37 -17.83
CA THR B 42 -2.56 -37.99 -18.99
C THR B 42 -2.77 -36.48 -19.10
N THR B 43 -3.42 -36.09 -20.17
CA THR B 43 -3.87 -34.72 -20.34
C THR B 43 -5.04 -34.50 -19.40
N LEU B 44 -5.27 -33.24 -19.06
CA LEU B 44 -6.37 -32.84 -18.24
C LEU B 44 -7.34 -32.00 -19.05
N GLN B 45 -8.61 -32.20 -18.79
CA GLN B 45 -9.65 -31.54 -19.51
C GLN B 45 -10.57 -30.88 -18.48
N ALA B 46 -10.87 -29.60 -18.68
CA ALA B 46 -11.73 -28.87 -17.79
C ALA B 46 -13.15 -29.35 -17.93
N ASP B 47 -13.85 -29.49 -16.81
CA ASP B 47 -15.27 -29.79 -16.82
C ASP B 47 -15.85 -28.95 -15.69
N GLY B 48 -16.44 -27.81 -16.05
CA GLY B 48 -16.80 -26.82 -15.07
C GLY B 48 -15.52 -26.44 -14.32
N THR B 49 -15.57 -26.47 -13.00
CA THR B 49 -14.41 -26.15 -12.21
C THR B 49 -13.43 -27.33 -11.96
N HIS B 50 -13.71 -28.51 -12.50
CA HIS B 50 -12.83 -29.65 -12.35
C HIS B 50 -11.81 -29.74 -13.48
N LEU B 51 -10.62 -30.19 -13.14
CA LEU B 51 -9.66 -30.71 -14.11
C LEU B 51 -9.72 -32.22 -14.07
N VAL B 52 -10.04 -32.84 -15.19
CA VAL B 52 -10.42 -34.26 -15.18
C VAL B 52 -9.41 -35.02 -16.02
N ASP B 53 -8.85 -36.11 -15.49
CA ASP B 53 -7.82 -36.83 -16.20
C ASP B 53 -8.46 -37.83 -17.13
N GLY B 54 -7.64 -38.55 -17.90
CA GLY B 54 -8.14 -39.50 -18.90
C GLY B 54 -8.82 -40.72 -18.30
N TYR B 55 -8.72 -40.88 -16.99
CA TYR B 55 -9.42 -41.94 -16.31
C TYR B 55 -10.72 -41.50 -15.66
N GLY B 56 -11.13 -40.26 -15.90
CA GLY B 56 -12.37 -39.70 -15.32
C GLY B 56 -12.23 -39.23 -13.88
N ARG B 57 -11.00 -39.08 -13.41
CA ARG B 57 -10.76 -38.60 -12.06
C ARG B 57 -10.56 -37.09 -12.00
N THR B 58 -11.05 -36.50 -10.93
CA THR B 58 -10.79 -35.09 -10.64
C THR B 58 -9.42 -34.92 -9.99
N VAL B 59 -8.59 -34.07 -10.60
CA VAL B 59 -7.18 -33.95 -10.24
C VAL B 59 -6.89 -32.69 -9.41
N LEU B 60 -6.15 -32.85 -8.31
CA LEU B 60 -5.70 -31.71 -7.50
C LEU B 60 -4.18 -31.61 -7.67
N LEU B 61 -3.71 -30.44 -8.10
CA LEU B 61 -2.30 -30.22 -8.38
C LEU B 61 -1.62 -29.36 -7.33
N HIS B 62 -0.57 -29.91 -6.72
CA HIS B 62 0.32 -29.16 -5.86
C HIS B 62 1.73 -29.26 -6.41
N GLY B 63 2.40 -28.12 -6.58
CA GLY B 63 3.74 -28.16 -7.08
C GLY B 63 4.52 -26.88 -7.01
N VAL B 64 5.44 -26.73 -7.96
CA VAL B 64 6.43 -25.67 -7.91
C VAL B 64 6.61 -24.95 -9.26
N ASN B 65 7.16 -23.74 -9.17
CA ASN B 65 7.67 -23.02 -10.31
C ASN B 65 9.14 -23.35 -10.55
N ASN B 66 9.48 -23.53 -11.83
CA ASN B 66 10.88 -23.54 -12.28
C ASN B 66 10.98 -22.67 -13.54
N VAL B 67 11.61 -21.51 -13.41
CA VAL B 67 11.53 -20.47 -14.44
C VAL B 67 12.95 -19.92 -14.76
N ASP B 68 13.41 -20.14 -15.98
CA ASP B 68 14.68 -19.61 -16.45
C ASP B 68 14.46 -18.24 -17.13
N LYS B 69 14.97 -17.19 -16.52
CA LYS B 69 14.76 -15.82 -16.97
C LYS B 69 15.89 -15.22 -17.80
N ASP B 70 16.98 -15.96 -18.00
CA ASP B 70 18.23 -15.44 -18.60
C ASP B 70 18.75 -16.36 -19.68
N ALA B 71 19.04 -15.79 -20.85
CA ALA B 71 19.69 -16.50 -21.95
C ALA B 71 21.10 -16.95 -21.56
N PRO B 72 21.54 -18.14 -22.00
CA PRO B 72 20.82 -19.13 -22.81
C PRO B 72 19.75 -19.85 -21.99
N TYR B 73 18.68 -20.20 -22.67
CA TYR B 73 17.50 -20.71 -21.99
C TYR B 73 17.54 -22.24 -21.92
N LEU B 74 17.35 -22.79 -20.73
CA LEU B 74 17.30 -24.23 -20.53
C LEU B 74 18.46 -24.94 -21.24
N PRO B 75 19.69 -24.54 -20.94
CA PRO B 75 20.81 -25.07 -21.71
C PRO B 75 21.03 -26.56 -21.42
N ALA B 76 21.61 -27.26 -22.39
CA ALA B 76 21.79 -28.71 -22.31
C ALA B 76 22.59 -29.10 -21.08
N GLY B 77 22.06 -30.07 -20.33
CA GLY B 77 22.68 -30.54 -19.12
C GLY B 77 22.67 -29.58 -17.94
N GLU B 78 21.99 -28.44 -18.03
CA GLU B 78 21.97 -27.47 -16.92
C GLU B 78 20.57 -27.20 -16.36
N THR B 79 19.66 -28.12 -16.58
CA THR B 79 18.27 -27.94 -16.16
C THR B 79 17.96 -28.84 -14.96
N LEU B 80 16.71 -28.91 -14.53
CA LEU B 80 16.36 -29.77 -13.40
C LEU B 80 17.01 -31.13 -13.56
N THR B 81 17.76 -31.56 -12.54
CA THR B 81 18.48 -32.85 -12.57
C THR B 81 17.50 -33.97 -12.18
N PRO B 82 17.85 -35.24 -12.44
CA PRO B 82 17.05 -36.37 -11.92
C PRO B 82 16.81 -36.30 -10.40
N GLN B 83 17.79 -35.80 -9.66
CA GLN B 83 17.71 -35.72 -8.21
C GLN B 83 16.81 -34.59 -7.76
N ASP B 84 16.84 -33.48 -8.49
CA ASP B 84 15.85 -32.41 -8.29
C ASP B 84 14.43 -32.96 -8.44
N ILE B 85 14.22 -33.73 -9.48
CA ILE B 85 12.91 -34.32 -9.73
C ILE B 85 12.54 -35.37 -8.68
N ASP B 86 13.51 -36.18 -8.22
CA ASP B 86 13.30 -37.09 -7.07
C ASP B 86 12.78 -36.35 -5.85
N ILE B 87 13.35 -35.18 -5.58
CA ILE B 87 12.89 -34.41 -4.44
C ILE B 87 11.38 -34.10 -4.57
N LEU B 88 10.98 -33.69 -5.76
CA LEU B 88 9.58 -33.36 -6.01
C LEU B 88 8.71 -34.59 -5.85
N VAL B 89 9.18 -35.71 -6.38
CA VAL B 89 8.43 -36.98 -6.28
C VAL B 89 8.29 -37.42 -4.82
N ARG B 90 9.41 -37.40 -4.12
CA ARG B 90 9.44 -37.85 -2.74
C ARG B 90 8.44 -37.07 -1.87
N HIS B 91 8.28 -35.79 -2.16
CA HIS B 91 7.35 -34.95 -1.42
C HIS B 91 5.95 -34.84 -2.00
N GLY B 92 5.67 -35.65 -3.02
CA GLY B 92 4.33 -35.80 -3.57
C GLY B 92 3.83 -34.68 -4.46
N PHE B 93 4.71 -33.78 -4.87
CA PHE B 93 4.31 -32.76 -5.82
C PHE B 93 4.00 -33.42 -7.19
N ASN B 94 3.00 -32.92 -7.89
CA ASN B 94 2.56 -33.49 -9.19
C ASN B 94 2.40 -32.45 -10.32
N THR B 95 3.07 -31.31 -10.17
CA THR B 95 3.02 -30.29 -11.21
C THR B 95 4.21 -29.38 -11.16
N VAL B 96 4.68 -28.96 -12.33
CA VAL B 96 5.70 -27.92 -12.46
C VAL B 96 5.20 -26.90 -13.44
N ARG B 97 5.27 -25.64 -13.02
CA ARG B 97 5.08 -24.52 -13.91
C ARG B 97 6.46 -24.16 -14.47
N LEU B 98 6.67 -24.52 -15.72
CA LEU B 98 7.96 -24.40 -16.37
C LEU B 98 7.98 -23.14 -17.24
N GLY B 99 8.93 -22.28 -16.93
CA GLY B 99 9.01 -20.98 -17.57
C GLY B 99 9.53 -21.15 -18.98
N THR B 100 8.87 -20.49 -19.92
CA THR B 100 9.40 -20.22 -21.24
C THR B 100 9.18 -18.72 -21.44
N SER B 101 9.48 -18.24 -22.62
CA SER B 101 9.32 -16.82 -22.93
C SER B 101 9.33 -16.53 -24.43
N PHE B 102 8.76 -15.37 -24.78
CA PHE B 102 8.79 -14.86 -26.14
C PHE B 102 10.25 -14.71 -26.59
N ASP B 103 11.11 -14.21 -25.71
CA ASP B 103 12.52 -14.06 -26.02
C ASP B 103 13.19 -15.40 -26.33
N ALA B 104 12.83 -16.46 -25.60
CA ALA B 104 13.44 -17.76 -25.82
C ALA B 104 12.96 -18.38 -27.12
N LEU B 105 11.66 -18.19 -27.39
CA LEU B 105 11.01 -18.82 -28.51
C LEU B 105 11.34 -18.14 -29.83
N MET B 106 11.38 -16.82 -29.83
CA MET B 106 11.62 -16.04 -31.04
C MET B 106 12.70 -14.98 -30.80
N PRO B 107 13.96 -15.42 -30.77
CA PRO B 107 15.06 -14.52 -30.40
C PRO B 107 15.42 -13.48 -31.45
N GLN B 108 15.03 -13.71 -32.70
CA GLN B 108 15.13 -12.68 -33.72
C GLN B 108 13.81 -12.61 -34.45
N ARG B 109 13.51 -11.44 -35.00
CA ARG B 109 12.22 -11.23 -35.67
C ARG B 109 11.92 -12.34 -36.67
N GLY B 110 10.81 -13.02 -36.45
CA GLY B 110 10.27 -14.00 -37.39
C GLY B 110 10.97 -15.35 -37.44
N GLN B 111 11.87 -15.61 -36.51
CA GLN B 111 12.58 -16.88 -36.49
C GLN B 111 12.40 -17.58 -35.14
N ILE B 112 11.78 -18.75 -35.18
CA ILE B 112 11.59 -19.59 -34.02
C ILE B 112 12.89 -20.30 -33.75
N ASP B 113 13.24 -20.42 -32.48
CA ASP B 113 14.46 -21.15 -32.15
C ASP B 113 14.08 -22.62 -31.93
N GLU B 114 14.27 -23.41 -32.97
CA GLU B 114 13.95 -24.83 -32.95
C GLU B 114 14.86 -25.61 -32.00
N ALA B 115 16.13 -25.20 -31.88
CA ALA B 115 17.06 -25.83 -30.93
C ALA B 115 16.51 -25.68 -29.50
N TYR B 116 16.12 -24.46 -29.14
CA TYR B 116 15.50 -24.19 -27.84
C TYR B 116 14.24 -25.05 -27.63
N LEU B 117 13.40 -25.13 -28.65
CA LEU B 117 12.19 -25.95 -28.52
C LEU B 117 12.52 -27.41 -28.22
N ASP B 118 13.61 -27.90 -28.79
CA ASP B 118 14.08 -29.25 -28.50
C ASP B 118 14.53 -29.39 -27.07
N ARG B 119 15.27 -28.42 -26.56
CA ARG B 119 15.70 -28.45 -25.16
C ARG B 119 14.47 -28.44 -24.23
N LEU B 120 13.54 -27.53 -24.51
CA LEU B 120 12.34 -27.39 -23.71
C LEU B 120 11.58 -28.70 -23.67
N THR B 121 11.39 -29.33 -24.83
CA THR B 121 10.67 -30.60 -24.90
C THR B 121 11.38 -31.73 -24.14
N GLY B 122 12.70 -31.66 -24.07
CA GLY B 122 13.50 -32.62 -23.29
C GLY B 122 13.19 -32.49 -21.81
N VAL B 123 12.99 -31.26 -21.35
CA VAL B 123 12.69 -31.05 -19.94
C VAL B 123 11.25 -31.51 -19.66
N VAL B 124 10.34 -31.17 -20.56
CA VAL B 124 8.95 -31.60 -20.43
C VAL B 124 8.86 -33.11 -20.36
N ASP B 125 9.61 -33.80 -21.22
CA ASP B 125 9.60 -35.26 -21.30
C ASP B 125 10.09 -35.85 -19.98
N ALA B 126 11.17 -35.29 -19.45
CA ALA B 126 11.73 -35.78 -18.20
C ALA B 126 10.74 -35.61 -17.04
N LEU B 127 10.10 -34.45 -16.97
CA LEU B 127 9.16 -34.18 -15.90
C LEU B 127 7.89 -35.03 -16.03
N THR B 128 7.30 -35.09 -17.20
CA THR B 128 6.08 -35.88 -17.36
C THR B 128 6.32 -37.38 -17.19
N ALA B 129 7.50 -37.84 -17.56
CA ALA B 129 7.87 -39.23 -17.33
C ALA B 129 7.84 -39.58 -15.83
N ARG B 130 7.96 -38.58 -14.97
CA ARG B 130 7.97 -38.83 -13.53
C ARG B 130 6.68 -38.38 -12.83
N GLY B 131 5.58 -38.21 -13.58
CA GLY B 131 4.26 -37.90 -13.00
C GLY B 131 3.97 -36.42 -12.78
N MET B 132 4.85 -35.55 -13.28
CA MET B 132 4.63 -34.10 -13.16
C MET B 132 3.85 -33.54 -14.35
N HIS B 133 2.65 -33.00 -14.07
CA HIS B 133 1.93 -32.19 -15.05
C HIS B 133 2.64 -30.86 -15.27
N VAL B 134 2.95 -30.54 -16.51
CA VAL B 134 3.76 -29.39 -16.79
C VAL B 134 2.90 -28.31 -17.40
N LEU B 135 2.93 -27.15 -16.77
CA LEU B 135 2.24 -25.97 -17.28
C LEU B 135 3.29 -25.09 -17.92
N LEU B 136 3.09 -24.73 -19.19
CA LEU B 136 4.06 -23.88 -19.90
C LEU B 136 3.73 -22.40 -19.71
N ASP B 137 4.59 -21.70 -18.98
CA ASP B 137 4.38 -20.33 -18.57
C ASP B 137 5.15 -19.38 -19.49
N ASN B 138 4.42 -18.61 -20.27
CA ASN B 138 5.04 -17.53 -21.02
C ASN B 138 5.37 -16.37 -20.08
N HIS B 139 6.61 -16.36 -19.60
CA HIS B 139 7.01 -15.52 -18.49
C HIS B 139 7.54 -14.16 -18.92
N GLN B 140 7.34 -13.17 -18.07
CA GLN B 140 7.99 -11.87 -18.22
C GLN B 140 8.00 -11.17 -16.86
N ASP B 141 8.97 -10.30 -16.66
CA ASP B 141 8.93 -9.29 -15.61
C ASP B 141 9.48 -8.01 -16.19
N GLY B 142 8.79 -6.90 -15.97
CA GLY B 142 9.24 -5.60 -16.44
C GLY B 142 9.38 -5.52 -17.95
N LEU B 143 8.60 -6.36 -18.64
CA LEU B 143 8.44 -6.37 -20.09
C LEU B 143 9.63 -6.97 -20.84
N SER B 144 10.83 -6.43 -20.60
CA SER B 144 12.00 -6.75 -21.40
C SER B 144 13.29 -6.52 -20.66
N LYS B 145 14.36 -7.11 -21.17
CA LYS B 145 15.71 -6.80 -20.74
C LYS B 145 16.08 -5.34 -20.84
N ALA B 146 15.41 -4.58 -21.71
CA ALA B 146 15.72 -3.15 -21.82
C ALA B 146 15.55 -2.43 -20.49
N TRP B 147 14.62 -2.88 -19.64
CA TRP B 147 14.43 -2.23 -18.34
C TRP B 147 15.10 -2.98 -17.18
N GLY B 148 15.87 -4.01 -17.51
CA GLY B 148 16.44 -4.90 -16.49
C GLY B 148 15.49 -6.04 -16.22
N GLY B 149 14.48 -6.22 -17.08
CA GLY B 149 13.50 -7.28 -16.89
C GLY B 149 13.79 -8.47 -17.79
N ASN B 150 12.73 -9.21 -18.16
CA ASN B 150 12.87 -10.39 -19.00
C ASN B 150 11.55 -10.64 -19.69
N GLY B 151 11.58 -11.36 -20.80
CA GLY B 151 10.37 -11.91 -21.36
C GLY B 151 10.16 -11.61 -22.82
N PHE B 152 9.73 -10.40 -23.13
CA PHE B 152 9.61 -9.98 -24.52
C PHE B 152 11.02 -9.72 -25.07
N PRO B 153 11.29 -10.17 -26.31
CA PRO B 153 12.57 -9.79 -26.89
C PRO B 153 12.64 -8.31 -27.19
N GLU B 154 13.85 -7.78 -27.07
CA GLU B 154 14.08 -6.38 -27.25
C GLU B 154 13.70 -5.91 -28.65
N TRP B 155 13.86 -6.79 -29.65
CA TRP B 155 13.52 -6.42 -31.02
C TRP B 155 12.02 -6.20 -31.22
N ALA B 156 11.19 -6.81 -30.37
CA ALA B 156 9.73 -6.72 -30.50
C ALA B 156 9.08 -5.43 -29.96
N ILE B 157 9.84 -4.66 -29.16
CA ILE B 157 9.35 -3.45 -28.49
C ILE B 157 10.18 -2.23 -28.92
N GLU B 158 9.50 -1.18 -29.37
CA GLU B 158 10.17 0.07 -29.76
C GLU B 158 10.71 0.88 -28.59
N SER B 159 9.84 1.17 -27.64
CA SER B 159 10.19 1.92 -26.43
C SER B 159 11.45 1.40 -25.73
N ARG B 160 12.21 2.35 -25.19
CA ARG B 160 13.45 2.09 -24.43
C ARG B 160 13.54 3.06 -23.28
N PRO B 161 14.13 2.64 -22.16
CA PRO B 161 14.34 3.62 -21.10
C PRO B 161 15.16 4.82 -21.61
N ARG B 162 14.83 6.00 -21.11
CA ARG B 162 15.51 7.23 -21.50
C ARG B 162 16.61 7.53 -20.48
N GLU B 163 17.66 8.22 -20.93
CA GLU B 163 18.89 8.45 -20.13
C GLU B 163 18.67 9.03 -18.71
N TRP B 164 17.71 9.94 -18.62
CA TRP B 164 17.37 10.63 -17.37
C TRP B 164 16.34 9.88 -16.51
N GLU B 165 15.71 8.87 -17.10
CA GLU B 165 14.55 8.22 -16.50
C GLU B 165 14.98 7.39 -15.29
N PRO B 166 14.50 7.74 -14.10
CA PRO B 166 14.93 6.91 -12.94
C PRO B 166 14.40 5.48 -13.04
N ASN B 167 15.25 4.51 -12.75
CA ASN B 167 14.87 3.09 -12.80
C ASN B 167 15.11 2.45 -11.44
N PRO B 168 14.05 2.24 -10.65
CA PRO B 168 14.20 1.62 -9.33
C PRO B 168 14.25 0.10 -9.37
N GLY B 169 14.33 -0.50 -10.56
CA GLY B 169 14.26 -1.95 -10.69
C GLY B 169 12.91 -2.56 -10.33
N PHE B 170 12.90 -3.88 -10.23
CA PHE B 170 11.71 -4.63 -9.92
C PHE B 170 11.31 -4.40 -8.46
N PRO B 171 10.02 -4.23 -8.16
CA PRO B 171 8.84 -4.14 -9.02
C PRO B 171 8.44 -2.71 -9.43
N LEU B 172 9.07 -1.69 -8.86
CA LEU B 172 8.58 -0.32 -9.10
C LEU B 172 8.87 0.18 -10.50
N TYR B 173 9.70 -0.53 -11.25
CA TYR B 173 9.92 -0.09 -12.62
C TYR B 173 8.65 -0.10 -13.50
N TYR B 174 7.60 -0.76 -13.05
CA TYR B 174 6.32 -0.73 -13.78
C TYR B 174 5.70 0.68 -13.80
N LEU B 175 6.27 1.59 -13.01
CA LEU B 175 5.82 3.00 -13.01
C LEU B 175 6.66 3.91 -13.94
N MET B 176 7.67 3.36 -14.61
CA MET B 176 8.46 4.14 -15.55
C MET B 176 7.61 4.43 -16.80
N PRO B 177 7.57 5.72 -17.23
CA PRO B 177 6.80 6.07 -18.41
C PRO B 177 7.16 5.22 -19.62
N SER B 178 8.44 5.05 -19.91
CA SER B 178 8.89 4.31 -21.08
C SER B 178 8.45 2.85 -21.02
N LEU B 179 8.45 2.27 -19.83
CA LEU B 179 7.98 0.88 -19.66
C LEU B 179 6.47 0.82 -19.91
N ASN B 180 5.75 1.82 -19.45
CA ASN B 180 4.33 1.90 -19.73
C ASN B 180 4.07 2.09 -21.21
N ALA B 181 4.89 2.88 -21.90
CA ALA B 181 4.76 2.98 -23.38
C ALA B 181 4.98 1.64 -24.08
N GLY B 182 5.91 0.85 -23.57
CA GLY B 182 6.14 -0.51 -24.09
C GLY B 182 4.88 -1.39 -24.00
N TRP B 183 4.26 -1.41 -22.83
CA TRP B 183 3.03 -2.14 -22.64
C TRP B 183 1.91 -1.65 -23.56
N ASP B 184 1.82 -0.34 -23.78
CA ASP B 184 0.85 0.24 -24.71
C ASP B 184 1.02 -0.33 -26.11
N GLU B 185 2.26 -0.57 -26.51
CA GLU B 185 2.54 -1.20 -27.80
C GLU B 185 2.01 -2.61 -27.85
N VAL B 186 2.06 -3.30 -26.72
CA VAL B 186 1.60 -4.67 -26.66
C VAL B 186 0.08 -4.71 -26.81
N TRP B 187 -0.64 -3.96 -25.97
CA TRP B 187 -2.11 -4.01 -25.98
C TRP B 187 -2.68 -3.31 -27.21
N GLY B 188 -1.94 -2.36 -27.77
CA GLY B 188 -2.34 -1.74 -29.03
C GLY B 188 -1.87 -2.50 -30.27
N ASN B 189 -1.02 -3.50 -30.06
CA ASN B 189 -0.36 -4.22 -31.14
C ASN B 189 0.19 -3.26 -32.17
N THR B 190 0.78 -2.17 -31.72
CA THR B 190 1.13 -1.09 -32.63
C THR B 190 2.37 -1.38 -33.50
N HIS B 191 3.17 -2.37 -33.11
CA HIS B 191 4.29 -2.82 -33.93
C HIS B 191 4.25 -4.32 -34.17
N GLY B 192 3.07 -4.94 -34.05
CA GLY B 192 2.90 -6.35 -34.37
C GLY B 192 3.39 -7.31 -33.30
N ALA B 193 3.64 -6.82 -32.09
CA ALA B 193 4.22 -7.69 -31.08
C ALA B 193 3.31 -8.87 -30.74
N LEU B 194 1.99 -8.65 -30.69
CA LEU B 194 1.05 -9.75 -30.40
C LEU B 194 0.92 -10.75 -31.55
N ASP B 195 0.94 -10.24 -32.80
CA ASP B 195 0.99 -11.10 -33.99
C ASP B 195 2.16 -12.06 -33.83
N HIS B 196 3.34 -11.52 -33.55
CA HIS B 196 4.54 -12.35 -33.42
C HIS B 196 4.43 -13.30 -32.24
N LEU B 197 3.92 -12.81 -31.11
CA LEU B 197 3.76 -13.69 -29.94
C LEU B 197 2.84 -14.86 -30.24
N GLY B 198 1.77 -14.60 -30.99
CA GLY B 198 0.89 -15.67 -31.42
C GLY B 198 1.64 -16.75 -32.19
N THR B 199 2.51 -16.34 -33.11
CA THR B 199 3.33 -17.30 -33.86
C THR B 199 4.19 -18.09 -32.89
N ALA B 200 4.85 -17.38 -31.98
CA ALA B 200 5.76 -18.04 -31.05
C ALA B 200 5.00 -19.07 -30.20
N LEU B 201 3.85 -18.68 -29.65
CA LEU B 201 3.06 -19.58 -28.81
C LEU B 201 2.45 -20.73 -29.59
N GLY B 202 2.05 -20.44 -30.83
CA GLY B 202 1.59 -21.48 -31.75
C GLY B 202 2.67 -22.52 -32.03
N ALA B 203 3.91 -22.07 -32.25
CA ALA B 203 5.03 -22.98 -32.46
C ALA B 203 5.23 -23.85 -31.24
N LEU B 204 5.16 -23.23 -30.07
CA LEU B 204 5.25 -23.98 -28.81
C LEU B 204 4.14 -25.03 -28.75
N ALA B 205 2.91 -24.60 -29.07
CA ALA B 205 1.74 -25.46 -28.95
C ALA B 205 1.86 -26.68 -29.86
N GLU B 206 2.27 -26.42 -31.10
CA GLU B 206 2.50 -27.48 -32.08
C GLU B 206 3.56 -28.47 -31.61
N ARG B 207 4.64 -27.96 -31.06
CA ARG B 207 5.74 -28.79 -30.60
C ARG B 207 5.33 -29.81 -29.54
N VAL B 208 4.34 -29.47 -28.72
CA VAL B 208 3.93 -30.37 -27.63
C VAL B 208 2.54 -31.02 -27.83
N GLU B 209 2.02 -30.94 -29.04
CA GLU B 209 0.78 -31.62 -29.39
C GLU B 209 0.95 -33.12 -29.12
N GLY B 210 -0.08 -33.70 -28.52
CA GLY B 210 -0.09 -35.14 -28.27
C GLY B 210 0.71 -35.61 -27.06
N LYS B 211 1.42 -34.70 -26.40
CA LYS B 211 2.21 -35.11 -25.24
C LYS B 211 1.36 -35.29 -23.99
N PRO B 212 1.33 -36.52 -23.44
CA PRO B 212 0.56 -36.62 -22.23
C PRO B 212 1.28 -35.86 -21.11
N GLY B 213 0.52 -35.26 -20.22
CA GLY B 213 1.12 -34.62 -19.06
C GLY B 213 1.34 -33.13 -19.21
N VAL B 214 1.20 -32.59 -20.43
CA VAL B 214 1.30 -31.16 -20.62
C VAL B 214 -0.06 -30.57 -20.27
N MET B 215 -0.14 -29.77 -19.22
CA MET B 215 -1.45 -29.27 -18.78
C MET B 215 -1.96 -28.09 -19.61
N GLY B 216 -1.07 -27.35 -20.24
CA GLY B 216 -1.47 -26.26 -21.12
C GLY B 216 -0.41 -25.19 -21.22
N ILE B 217 -0.81 -24.05 -21.75
CA ILE B 217 0.06 -22.89 -21.89
C ILE B 217 -0.58 -21.70 -21.21
N GLU B 218 0.19 -21.04 -20.36
CA GLU B 218 -0.24 -19.84 -19.67
C GLU B 218 0.21 -18.68 -20.53
N LEU B 219 -0.77 -17.91 -21.00
CA LEU B 219 -0.55 -17.02 -22.16
C LEU B 219 0.39 -15.85 -21.85
N LEU B 220 0.30 -15.32 -20.64
CA LEU B 220 1.20 -14.23 -20.22
C LEU B 220 1.29 -14.07 -18.72
N ASN B 221 2.53 -14.01 -18.23
CA ASN B 221 2.76 -13.75 -16.82
C ASN B 221 2.61 -12.29 -16.44
N GLU B 222 1.84 -12.05 -15.40
CA GLU B 222 1.66 -10.72 -14.81
C GLU B 222 1.52 -9.57 -15.82
N PRO B 223 0.43 -9.58 -16.58
CA PRO B 223 0.21 -8.58 -17.59
C PRO B 223 -0.06 -7.22 -16.98
N TRP B 224 0.74 -6.23 -17.37
CA TRP B 224 0.57 -4.86 -16.89
C TRP B 224 -0.18 -4.02 -17.93
N PRO B 225 -1.21 -3.28 -17.49
CA PRO B 225 -2.06 -2.48 -18.39
C PRO B 225 -1.46 -1.21 -18.98
N GLY B 226 -0.23 -0.88 -18.62
CA GLY B 226 0.44 0.23 -19.26
C GLY B 226 -0.26 1.51 -18.86
N SER B 227 -0.43 2.43 -19.80
CA SER B 227 -1.00 3.76 -19.46
C SER B 227 -2.47 3.71 -19.02
N ARG B 228 -3.10 2.54 -19.14
CA ARG B 228 -4.45 2.34 -18.64
C ARG B 228 -4.53 2.06 -17.13
N PHE B 229 -3.38 1.90 -16.48
CA PHE B 229 -3.40 1.22 -15.20
C PHE B 229 -4.15 1.95 -14.10
N LEU B 230 -4.12 3.27 -14.15
CA LEU B 230 -4.86 4.06 -13.17
C LEU B 230 -6.38 3.92 -13.29
N SER B 231 -6.86 3.49 -14.44
CA SER B 231 -8.27 3.15 -14.57
C SER B 231 -8.66 1.94 -13.70
N CYS B 232 -7.69 1.12 -13.27
CA CYS B 232 -7.98 -0.09 -12.50
C CYS B 232 -8.19 0.11 -11.00
N PHE B 233 -8.04 1.35 -10.52
CA PHE B 233 -8.21 1.71 -9.13
C PHE B 233 -9.36 2.72 -9.06
N PRO B 234 -10.25 2.64 -8.05
CA PRO B 234 -10.18 1.82 -6.85
C PRO B 234 -10.88 0.47 -6.95
N ASN B 235 -11.45 0.12 -8.09
CA ASN B 235 -12.32 -1.05 -8.13
C ASN B 235 -12.30 -1.81 -9.47
N GLY B 236 -11.12 -1.90 -10.06
CA GLY B 236 -10.93 -2.65 -11.29
C GLY B 236 -11.20 -1.85 -12.53
N CYS B 237 -10.77 -2.40 -13.66
CA CYS B 237 -10.83 -1.73 -14.96
C CYS B 237 -11.58 -2.58 -15.98
N PRO B 238 -12.90 -2.52 -15.93
CA PRO B 238 -13.77 -3.13 -16.92
C PRO B 238 -13.33 -2.89 -18.38
N ASP B 239 -13.06 -1.63 -18.72
CA ASP B 239 -12.72 -1.29 -20.09
C ASP B 239 -11.39 -1.86 -20.54
N PHE B 240 -10.37 -1.79 -19.69
CA PHE B 240 -9.10 -2.42 -20.06
C PHE B 240 -9.24 -3.93 -20.12
N ASP B 241 -10.06 -4.51 -19.23
CA ASP B 241 -10.19 -5.96 -19.24
C ASP B 241 -10.93 -6.46 -20.47
N ARG B 242 -11.70 -5.62 -21.13
CA ARG B 242 -12.28 -6.00 -22.45
C ARG B 242 -11.16 -6.20 -23.45
N THR B 243 -10.27 -5.20 -23.50
CA THR B 243 -9.08 -5.22 -24.34
C THR B 243 -8.19 -6.41 -24.02
N TYR B 244 -7.87 -6.61 -22.75
CA TYR B 244 -7.02 -7.70 -22.33
C TYR B 244 -7.63 -9.06 -22.68
N GLN B 245 -8.91 -9.24 -22.38
CA GLN B 245 -9.65 -10.46 -22.69
C GLN B 245 -9.68 -10.74 -24.21
N ALA B 246 -9.89 -9.70 -25.02
CA ALA B 246 -9.81 -9.86 -26.49
C ALA B 246 -8.41 -10.29 -26.94
N ALA B 247 -7.38 -9.71 -26.35
CA ALA B 247 -6.00 -10.08 -26.71
C ALA B 247 -5.68 -11.53 -26.29
N MET B 248 -6.21 -11.95 -25.15
CA MET B 248 -5.97 -13.31 -24.72
C MET B 248 -6.73 -14.30 -25.62
N GLN B 249 -7.89 -13.88 -26.13
CA GLN B 249 -8.65 -14.72 -27.05
C GLN B 249 -7.92 -14.87 -28.37
N LYS B 250 -7.35 -13.77 -28.86
CA LYS B 250 -6.52 -13.83 -30.07
C LYS B 250 -5.32 -14.76 -29.89
N LEU B 251 -4.63 -14.68 -28.76
CA LEU B 251 -3.52 -15.61 -28.52
C LEU B 251 -4.03 -17.03 -28.41
N THR B 252 -5.19 -17.22 -27.79
CA THR B 252 -5.83 -18.51 -27.69
C THR B 252 -6.10 -19.08 -29.09
N ASP B 253 -6.63 -18.24 -29.99
CA ASP B 253 -6.82 -18.64 -31.40
C ASP B 253 -5.52 -19.03 -32.10
N ALA B 254 -4.46 -18.25 -31.91
CA ALA B 254 -3.17 -18.60 -32.49
C ALA B 254 -2.65 -19.95 -31.99
N VAL B 255 -2.77 -20.18 -30.69
CA VAL B 255 -2.37 -21.45 -30.09
C VAL B 255 -3.19 -22.64 -30.65
N ARG B 256 -4.50 -22.46 -30.74
CA ARG B 256 -5.39 -23.57 -31.11
C ARG B 256 -5.45 -23.88 -32.62
N ALA B 257 -5.08 -22.92 -33.46
CA ALA B 257 -4.96 -23.18 -34.91
C ALA B 257 -3.89 -24.26 -35.17
N GLN B 258 -2.96 -24.40 -34.23
CA GLN B 258 -1.88 -25.37 -34.31
C GLN B 258 -2.10 -26.64 -33.47
N ASN B 259 -2.79 -26.48 -32.35
CA ASN B 259 -3.05 -27.55 -31.37
C ASN B 259 -4.46 -27.30 -30.83
N PRO B 260 -5.50 -27.90 -31.47
CA PRO B 260 -6.88 -27.48 -31.21
C PRO B 260 -7.42 -27.77 -29.82
N THR B 261 -6.82 -28.73 -29.13
CA THR B 261 -7.31 -29.13 -27.83
C THR B 261 -6.52 -28.62 -26.61
N ILE B 262 -5.36 -28.00 -26.81
CA ILE B 262 -4.53 -27.65 -25.67
C ILE B 262 -5.23 -26.63 -24.77
N PRO B 263 -5.26 -26.91 -23.47
CA PRO B 263 -5.81 -25.92 -22.52
C PRO B 263 -4.95 -24.66 -22.42
N VAL B 264 -5.61 -23.54 -22.18
CA VAL B 264 -4.92 -22.25 -21.98
C VAL B 264 -5.24 -21.69 -20.61
N TYR B 265 -4.23 -21.06 -20.03
CA TYR B 265 -4.32 -20.54 -18.69
C TYR B 265 -4.26 -19.01 -18.81
N TRP B 266 -5.28 -18.34 -18.28
CA TRP B 266 -5.41 -16.89 -18.40
C TRP B 266 -5.27 -16.27 -17.02
N GLU B 267 -4.27 -15.42 -16.86
CA GLU B 267 -4.12 -14.65 -15.64
C GLU B 267 -5.03 -13.41 -15.65
N PRO B 268 -5.40 -12.92 -14.47
CA PRO B 268 -5.98 -11.59 -14.35
C PRO B 268 -4.89 -10.55 -14.60
N ASN B 269 -5.27 -9.33 -15.00
CA ASN B 269 -4.27 -8.27 -15.16
C ASN B 269 -3.66 -8.04 -13.79
N VAL B 270 -2.40 -7.64 -13.75
CA VAL B 270 -1.63 -7.78 -12.53
C VAL B 270 -1.92 -6.70 -11.47
N THR B 271 -2.80 -5.73 -11.78
CA THR B 271 -3.36 -4.87 -10.70
C THR B 271 -4.10 -5.69 -9.65
N TRP B 272 -4.42 -6.93 -10.01
CA TRP B 272 -4.89 -7.96 -9.06
C TRP B 272 -4.00 -8.07 -7.82
N ASN B 273 -2.70 -8.00 -8.06
CA ASN B 273 -1.70 -8.08 -6.98
C ASN B 273 -1.66 -6.85 -6.10
N GLN B 274 -2.22 -5.72 -6.54
CA GLN B 274 -2.49 -4.57 -5.66
C GLN B 274 -3.96 -4.54 -5.24
N MET B 275 -4.55 -5.73 -5.15
CA MET B 275 -5.89 -5.97 -4.56
C MET B 275 -7.09 -5.59 -5.39
N MET B 276 -6.89 -5.28 -6.67
CA MET B 276 -8.00 -4.89 -7.52
C MET B 276 -8.69 -6.13 -8.07
N PRO B 277 -10.04 -6.11 -8.17
CA PRO B 277 -10.74 -7.29 -8.70
C PRO B 277 -10.56 -7.41 -10.22
N SER B 278 -10.69 -8.65 -10.70
CA SER B 278 -10.63 -8.92 -12.12
C SER B 278 -12.00 -8.73 -12.74
N ASN B 279 -12.03 -8.20 -13.95
CA ASN B 279 -13.26 -8.04 -14.69
C ASN B 279 -13.35 -8.97 -15.88
N LEU B 280 -12.61 -10.08 -15.80
CA LEU B 280 -12.72 -11.09 -16.84
C LEU B 280 -14.08 -11.78 -16.76
N PHE B 281 -14.68 -12.01 -17.93
CA PHE B 281 -15.96 -12.76 -18.04
C PHE B 281 -16.99 -12.17 -17.10
N ALA B 282 -17.28 -10.88 -17.24
CA ALA B 282 -18.11 -10.19 -16.25
C ALA B 282 -19.17 -9.38 -16.95
N PRO B 283 -20.18 -10.06 -17.50
CA PRO B 283 -21.29 -9.32 -18.07
C PRO B 283 -21.90 -8.43 -17.00
N PRO B 284 -22.39 -7.26 -17.38
CA PRO B 284 -22.48 -6.68 -18.73
C PRO B 284 -21.22 -5.85 -19.09
N VAL B 285 -20.20 -5.96 -18.25
CA VAL B 285 -19.01 -5.14 -18.33
C VAL B 285 -17.99 -5.70 -19.36
N THR B 286 -17.92 -7.03 -19.47
CA THR B 286 -17.09 -7.72 -20.47
C THR B 286 -17.84 -8.97 -20.90
N PRO B 287 -17.46 -9.59 -22.05
CA PRO B 287 -18.26 -10.74 -22.49
C PRO B 287 -18.11 -11.96 -21.60
N ALA B 288 -19.14 -12.82 -21.62
CA ALA B 288 -19.09 -14.10 -20.96
C ALA B 288 -18.05 -14.95 -21.65
N LEU B 289 -17.55 -15.94 -20.91
CA LEU B 289 -16.64 -16.93 -21.46
C LEU B 289 -17.39 -17.85 -22.41
N THR B 290 -16.90 -17.95 -23.63
CA THR B 290 -17.44 -18.86 -24.65
C THR B 290 -16.38 -19.76 -25.28
N THR B 291 -15.17 -19.78 -24.71
CA THR B 291 -14.07 -20.60 -25.20
C THR B 291 -13.85 -21.76 -24.23
N ALA B 292 -13.62 -22.95 -24.77
CA ALA B 292 -13.50 -24.15 -23.96
C ALA B 292 -12.09 -24.32 -23.37
N ASP B 293 -12.00 -24.98 -22.24
CA ASP B 293 -10.72 -25.38 -21.65
C ASP B 293 -9.82 -24.18 -21.38
N VAL B 294 -10.38 -23.26 -20.62
CA VAL B 294 -9.69 -22.10 -20.15
C VAL B 294 -9.63 -22.24 -18.64
N VAL B 295 -8.47 -21.98 -18.07
CA VAL B 295 -8.28 -22.08 -16.64
C VAL B 295 -7.83 -20.73 -16.14
N PHE B 296 -8.41 -20.28 -15.03
CA PHE B 296 -7.99 -19.03 -14.38
C PHE B 296 -6.72 -19.23 -13.57
N ALA B 297 -5.80 -18.27 -13.69
CA ALA B 297 -4.46 -18.43 -13.18
C ALA B 297 -3.99 -17.19 -12.40
N PRO B 298 -4.63 -16.93 -11.25
CA PRO B 298 -4.22 -15.82 -10.39
C PRO B 298 -2.99 -16.13 -9.56
N HIS B 299 -2.37 -15.07 -9.07
CA HIS B 299 -1.31 -15.15 -8.09
C HIS B 299 -1.80 -14.71 -6.70
N ASP B 300 -1.10 -15.14 -5.66
CA ASP B 300 -1.41 -14.79 -4.27
C ASP B 300 -0.12 -14.35 -3.59
N TYR B 301 0.08 -13.04 -3.53
CA TYR B 301 1.21 -12.44 -2.80
C TYR B 301 0.75 -11.47 -1.72
N CYS B 302 1.62 -11.26 -0.75
CA CYS B 302 1.33 -10.34 0.35
C CYS B 302 2.20 -9.06 0.30
N ILE B 303 1.59 -7.92 0.04
CA ILE B 303 2.32 -6.66 0.01
C ILE B 303 2.90 -6.26 1.36
N PRO B 304 2.08 -6.24 2.43
CA PRO B 304 2.59 -5.88 3.75
C PRO B 304 3.84 -6.63 4.11
N SER B 305 3.79 -7.94 3.93
CA SER B 305 4.95 -8.77 4.16
C SER B 305 6.11 -8.30 3.30
N GLN B 306 5.89 -8.20 2.00
CA GLN B 306 6.99 -8.00 1.04
C GLN B 306 7.65 -6.63 1.11
N LEU B 307 8.28 -6.34 2.25
CA LEU B 307 8.84 -5.02 2.56
C LEU B 307 10.18 -5.12 3.29
N CYS B 321 -0.82 -9.86 6.72
CA CYS B 321 -1.13 -10.47 5.41
C CYS B 321 -2.56 -11.00 5.21
N VAL B 322 -3.22 -11.43 6.28
CA VAL B 322 -4.53 -12.06 6.23
C VAL B 322 -5.58 -11.21 5.48
N PRO B 323 -5.70 -9.92 5.84
CA PRO B 323 -6.71 -9.08 5.17
C PRO B 323 -6.54 -8.98 3.65
N GLN B 324 -5.31 -8.88 3.17
CA GLN B 324 -5.09 -8.91 1.72
C GLN B 324 -5.42 -10.30 1.14
N GLN B 325 -4.92 -11.37 1.76
CA GLN B 325 -5.17 -12.73 1.26
C GLN B 325 -6.65 -13.06 1.16
N ASP B 326 -7.43 -12.66 2.16
CA ASP B 326 -8.85 -12.95 2.16
C ASP B 326 -9.58 -12.16 1.07
N LEU B 327 -9.08 -10.99 0.70
CA LEU B 327 -9.65 -10.22 -0.39
C LEU B 327 -9.31 -10.89 -1.74
N THR B 328 -8.08 -11.34 -1.88
CA THR B 328 -7.67 -12.07 -3.07
C THR B 328 -8.55 -13.29 -3.29
N TRP B 329 -8.75 -14.06 -2.22
CA TRP B 329 -9.54 -15.31 -2.33
C TRP B 329 -11.01 -15.04 -2.57
N SER B 330 -11.47 -13.94 -2.02
CA SER B 330 -12.77 -13.41 -2.31
C SER B 330 -12.90 -12.98 -3.80
N ASN B 331 -11.88 -12.33 -4.32
CA ASN B 331 -11.86 -12.03 -5.76
C ASN B 331 -11.83 -13.28 -6.67
N ILE B 332 -11.20 -14.36 -6.19
CA ILE B 332 -11.22 -15.65 -6.89
C ILE B 332 -12.63 -16.27 -6.90
N ASP B 333 -13.29 -16.26 -5.76
CA ASP B 333 -14.67 -16.73 -5.64
C ASP B 333 -15.59 -16.04 -6.64
N ALA B 334 -15.40 -14.74 -6.83
CA ALA B 334 -16.24 -14.00 -7.77
C ALA B 334 -16.10 -14.55 -9.20
N ILE B 335 -14.86 -14.81 -9.63
CA ILE B 335 -14.60 -15.44 -10.91
C ILE B 335 -15.17 -16.86 -10.98
N THR B 336 -14.93 -17.66 -9.94
CA THR B 336 -15.41 -19.02 -9.91
C THR B 336 -16.93 -19.06 -10.10
N GLU B 337 -17.63 -18.25 -9.32
CA GLU B 337 -19.09 -18.27 -9.35
C GLU B 337 -19.67 -17.86 -10.71
N ARG B 338 -19.09 -16.85 -11.34
CA ARG B 338 -19.70 -16.32 -12.55
C ARG B 338 -19.24 -17.05 -13.81
N ALA B 339 -18.06 -17.63 -13.78
CA ALA B 339 -17.48 -18.24 -14.98
C ALA B 339 -17.47 -19.77 -14.98
N ASN B 340 -17.55 -20.36 -13.80
CA ASN B 340 -17.56 -21.81 -13.66
C ASN B 340 -16.38 -22.50 -14.37
N VAL B 341 -15.20 -21.91 -14.26
CA VAL B 341 -13.95 -22.51 -14.75
C VAL B 341 -13.05 -22.93 -13.59
N PRO B 342 -12.11 -23.85 -13.85
CA PRO B 342 -11.15 -24.17 -12.82
C PRO B 342 -10.16 -23.03 -12.59
N THR B 343 -9.53 -23.07 -11.43
CA THR B 343 -8.50 -22.13 -11.03
C THR B 343 -7.31 -22.92 -10.51
N VAL B 344 -6.12 -22.42 -10.84
CA VAL B 344 -4.89 -22.87 -10.22
C VAL B 344 -4.12 -21.63 -9.79
N ILE B 345 -3.64 -21.62 -8.54
CA ILE B 345 -2.77 -20.53 -8.10
C ILE B 345 -1.37 -20.72 -8.71
N THR B 346 -1.09 -20.04 -9.80
CA THR B 346 0.13 -20.36 -10.53
C THR B 346 1.41 -19.76 -9.92
N SER B 347 1.27 -18.85 -8.97
CA SER B 347 2.42 -18.37 -8.23
C SER B 347 2.01 -17.79 -6.88
N PHE B 348 2.72 -18.20 -5.84
CA PHE B 348 2.56 -17.63 -4.52
C PHE B 348 3.83 -17.99 -3.78
N GLY B 349 4.11 -17.24 -2.74
CA GLY B 349 5.23 -17.50 -1.88
C GLY B 349 5.48 -16.26 -1.10
N ASP B 350 6.43 -16.36 -0.18
CA ASP B 350 6.78 -15.27 0.71
C ASP B 350 8.04 -15.63 1.47
N GLY B 351 8.77 -14.62 1.90
CA GLY B 351 9.89 -14.79 2.84
C GLY B 351 9.48 -15.53 4.11
N ASP B 352 8.28 -15.24 4.62
CA ASP B 352 7.81 -15.74 5.92
C ASP B 352 6.93 -16.99 5.79
N PRO B 353 7.49 -18.16 6.08
CA PRO B 353 6.70 -19.39 6.08
C PRO B 353 5.33 -19.25 6.72
N THR B 354 5.22 -18.47 7.79
CA THR B 354 3.94 -18.38 8.51
C THR B 354 2.79 -17.73 7.69
N VAL B 355 3.13 -16.88 6.72
CA VAL B 355 2.09 -16.32 5.84
C VAL B 355 1.55 -17.34 4.78
N LEU B 356 2.31 -18.40 4.49
CA LEU B 356 1.84 -19.45 3.59
C LEU B 356 0.57 -20.14 4.09
N LYS B 357 0.46 -20.29 5.40
CA LYS B 357 -0.62 -21.05 6.05
C LYS B 357 -2.03 -20.63 5.65
N ASN B 358 -2.28 -19.32 5.61
CA ASN B 358 -3.60 -18.84 5.23
C ASN B 358 -3.90 -19.04 3.75
N THR B 359 -2.91 -18.86 2.88
CA THR B 359 -3.08 -19.19 1.47
C THR B 359 -3.45 -20.66 1.27
N LEU B 360 -2.69 -21.54 1.93
CA LEU B 360 -2.91 -22.99 1.83
C LEU B 360 -4.27 -23.43 2.36
N ALA B 361 -4.72 -22.83 3.46
CA ALA B 361 -6.01 -23.16 4.05
C ALA B 361 -7.14 -22.74 3.12
N ARG B 362 -7.05 -21.54 2.57
CA ARG B 362 -8.06 -21.05 1.62
C ARG B 362 -8.11 -21.91 0.35
N ALA B 363 -6.95 -22.34 -0.13
CA ALA B 363 -6.90 -23.22 -1.29
C ALA B 363 -7.60 -24.55 -1.00
N ASP B 364 -7.30 -25.16 0.14
CA ASP B 364 -7.87 -26.46 0.51
C ASP B 364 -9.39 -26.38 0.65
N GLU B 365 -9.83 -25.24 1.18
CA GLU B 365 -11.24 -24.90 1.37
C GLU B 365 -12.03 -25.00 0.07
N ARG B 366 -11.40 -24.57 -1.02
CA ARG B 366 -12.01 -24.56 -2.34
C ARG B 366 -11.57 -25.72 -3.23
N PHE B 367 -10.73 -26.60 -2.69
CA PHE B 367 -10.13 -27.68 -3.49
C PHE B 367 -9.42 -27.12 -4.75
N ILE B 368 -8.59 -26.13 -4.54
CA ILE B 368 -7.87 -25.45 -5.61
C ILE B 368 -6.39 -25.76 -5.43
N GLY B 369 -5.73 -26.04 -6.55
CA GLY B 369 -4.33 -26.38 -6.57
C GLY B 369 -3.42 -25.17 -6.77
N TRP B 370 -2.13 -25.43 -6.81
CA TRP B 370 -1.17 -24.36 -6.76
C TRP B 370 0.24 -24.76 -7.14
N GLN B 371 1.03 -23.73 -7.43
CA GLN B 371 2.44 -23.83 -7.79
C GLN B 371 3.22 -22.75 -7.05
N TYR B 372 4.11 -23.21 -6.19
CA TYR B 372 4.88 -22.36 -5.30
C TYR B 372 6.10 -21.71 -5.99
N TRP B 373 6.38 -20.48 -5.64
CA TRP B 373 7.57 -19.80 -6.13
C TRP B 373 8.68 -19.89 -5.06
N HIS B 374 9.82 -20.55 -5.28
CA HIS B 374 10.31 -21.04 -6.56
C HIS B 374 11.20 -22.25 -6.24
N PHE B 375 11.34 -23.15 -7.21
CA PHE B 375 12.21 -24.33 -7.07
C PHE B 375 13.25 -24.33 -8.21
N GLY B 376 14.48 -24.02 -7.81
CA GLY B 376 15.61 -23.88 -8.71
C GLY B 376 16.25 -25.22 -8.99
N ALA B 377 16.97 -25.29 -10.11
CA ALA B 377 17.76 -26.45 -10.47
C ALA B 377 19.00 -26.55 -9.61
N GLY B 378 19.50 -27.78 -9.45
CA GLY B 378 20.76 -28.03 -8.75
C GLY B 378 20.70 -27.87 -7.23
N ASN B 379 19.64 -28.40 -6.62
CA ASN B 379 19.54 -28.35 -5.16
C ASN B 379 20.58 -29.24 -4.50
N ALA B 380 21.53 -28.64 -3.79
CA ALA B 380 22.53 -29.38 -3.02
C ALA B 380 21.87 -30.02 -1.81
N THR B 381 20.85 -29.34 -1.33
CA THR B 381 20.15 -29.76 -0.13
C THR B 381 18.64 -29.78 -0.42
N ASP B 382 17.89 -30.69 0.19
CA ASP B 382 16.42 -30.73 0.04
C ASP B 382 15.81 -29.48 0.69
N PRO B 383 15.33 -28.51 -0.11
CA PRO B 383 14.84 -27.28 0.52
C PRO B 383 13.49 -27.40 1.22
N PHE B 384 12.86 -28.57 1.21
CA PHE B 384 11.56 -28.75 1.87
C PHE B 384 11.64 -29.36 3.28
N LEU B 385 12.81 -29.34 3.90
CA LEU B 385 13.01 -30.01 5.18
C LEU B 385 12.96 -29.03 6.34
N GLY B 386 12.61 -27.78 6.05
CA GLY B 386 12.45 -26.76 7.07
C GLY B 386 11.02 -26.33 7.23
N GLU B 387 10.85 -25.09 7.67
CA GLU B 387 9.53 -24.54 8.02
C GLU B 387 8.63 -24.39 6.81
N VAL B 388 9.19 -24.00 5.67
CA VAL B 388 8.39 -23.85 4.45
C VAL B 388 7.85 -25.22 4.04
N GLY B 389 8.73 -26.21 4.04
CA GLY B 389 8.36 -27.59 3.65
C GLY B 389 7.28 -28.24 4.50
N ARG B 390 7.35 -27.99 5.80
CA ARG B 390 6.35 -28.43 6.76
C ARG B 390 4.93 -28.07 6.29
N GLN B 391 4.82 -26.92 5.65
CA GLN B 391 3.54 -26.42 5.14
C GLN B 391 3.24 -26.90 3.75
N LEU B 392 4.24 -26.94 2.89
CA LEU B 392 4.02 -27.25 1.48
C LEU B 392 3.82 -28.74 1.22
N VAL B 393 4.45 -29.56 2.03
CA VAL B 393 4.44 -30.99 1.81
C VAL B 393 3.27 -31.53 2.60
N ARG B 394 2.25 -32.01 1.89
CA ARG B 394 0.96 -32.31 2.53
C ARG B 394 0.43 -33.66 2.11
N THR B 395 -0.44 -34.21 2.92
CA THR B 395 -1.26 -35.33 2.55
C THR B 395 -2.46 -34.77 1.79
N TYR B 396 -2.60 -35.16 0.53
CA TYR B 396 -3.68 -34.63 -0.32
C TYR B 396 -4.04 -35.60 -1.43
N PRO B 397 -5.28 -35.51 -1.93
CA PRO B 397 -5.74 -36.42 -2.98
C PRO B 397 -5.34 -35.91 -4.35
N GLN B 398 -4.34 -36.54 -4.94
CA GLN B 398 -3.87 -36.15 -6.26
C GLN B 398 -4.95 -36.33 -7.31
N ALA B 399 -5.70 -37.43 -7.20
CA ALA B 399 -6.72 -37.81 -8.17
C ALA B 399 -7.88 -38.48 -7.46
N THR B 400 -9.10 -38.00 -7.68
CA THR B 400 -10.28 -38.52 -6.98
C THR B 400 -11.28 -39.11 -7.96
N ALA B 401 -11.70 -40.34 -7.71
CA ALA B 401 -12.68 -41.01 -8.57
C ALA B 401 -14.07 -40.62 -8.12
N GLY B 402 -14.37 -39.32 -8.26
CA GLY B 402 -15.58 -38.75 -7.74
C GLY B 402 -15.51 -37.23 -7.59
N GLU B 403 -16.59 -36.67 -7.09
CA GLU B 403 -16.69 -35.24 -6.83
C GLU B 403 -16.10 -34.94 -5.45
N PRO B 404 -15.03 -34.14 -5.39
CA PRO B 404 -14.47 -33.83 -4.08
C PRO B 404 -15.49 -33.20 -3.14
N GLY B 405 -15.44 -33.58 -1.87
CA GLY B 405 -16.15 -32.88 -0.82
C GLY B 405 -15.08 -32.16 -0.04
N ARG B 406 -15.34 -31.95 1.23
CA ARG B 406 -14.44 -31.18 2.05
C ARG B 406 -13.19 -31.99 2.44
N MET B 407 -12.11 -31.24 2.60
CA MET B 407 -10.79 -31.79 2.90
C MET B 407 -10.10 -30.95 3.95
N ILE B 408 -9.40 -31.61 4.86
CA ILE B 408 -8.70 -30.97 5.95
C ILE B 408 -7.32 -31.59 6.14
N PHE B 409 -6.30 -30.76 6.24
CA PHE B 409 -4.98 -31.23 6.58
C PHE B 409 -4.36 -30.34 7.63
N ASP B 410 -3.91 -30.94 8.72
CA ASP B 410 -3.25 -30.19 9.78
C ASP B 410 -1.75 -30.36 9.58
N ALA B 411 -1.12 -29.27 9.14
CA ALA B 411 0.30 -29.32 8.80
C ALA B 411 1.24 -29.38 10.01
N ASP B 412 0.71 -29.21 11.22
CA ASP B 412 1.49 -29.45 12.45
C ASP B 412 1.54 -30.94 12.85
N ASN B 413 0.42 -31.64 12.90
CA ASN B 413 0.45 -33.04 13.30
C ASN B 413 0.11 -34.08 12.24
N GLY B 414 -0.24 -33.63 11.04
CA GLY B 414 -0.55 -34.56 9.96
C GLY B 414 -1.96 -35.13 9.90
N ASP B 415 -2.85 -34.70 10.80
CA ASP B 415 -4.24 -35.13 10.76
C ASP B 415 -4.81 -34.78 9.39
N PHE B 416 -5.47 -35.74 8.75
CA PHE B 416 -6.07 -35.54 7.43
C PHE B 416 -7.43 -36.22 7.36
N ALA B 417 -8.38 -35.53 6.76
CA ALA B 417 -9.65 -36.16 6.46
C ALA B 417 -10.22 -35.58 5.18
N TYR B 418 -10.92 -36.42 4.45
CA TYR B 418 -11.45 -36.08 3.14
C TYR B 418 -12.70 -36.86 2.87
N ARG B 419 -13.70 -36.22 2.28
CA ARG B 419 -14.91 -36.90 1.85
C ARG B 419 -15.18 -36.61 0.39
N PHE B 420 -15.70 -37.61 -0.33
CA PHE B 420 -16.05 -37.42 -1.73
C PHE B 420 -17.19 -38.33 -2.14
N THR B 421 -17.85 -37.95 -3.23
CA THR B 421 -18.93 -38.73 -3.79
C THR B 421 -18.42 -39.47 -5.01
N PRO B 422 -18.46 -40.80 -4.96
CA PRO B 422 -17.89 -41.61 -6.03
C PRO B 422 -18.53 -41.36 -7.39
N ARG B 423 -17.73 -41.45 -8.44
CA ARG B 423 -18.18 -41.31 -9.82
C ARG B 423 -17.55 -42.45 -10.60
N ALA B 424 -18.13 -42.79 -11.74
CA ALA B 424 -17.57 -43.84 -12.61
C ALA B 424 -16.20 -43.37 -13.09
N ALA B 425 -15.18 -44.19 -12.89
CA ALA B 425 -13.82 -43.90 -13.33
C ALA B 425 -13.06 -45.20 -13.56
N THR B 426 -12.00 -45.13 -14.36
CA THR B 426 -11.24 -46.35 -14.68
C THR B 426 -9.98 -46.55 -13.82
N ARG B 427 -9.79 -45.72 -12.80
CA ARG B 427 -8.70 -45.90 -11.84
C ARG B 427 -9.23 -45.42 -10.51
N PRO B 428 -8.66 -45.95 -9.41
CA PRO B 428 -9.09 -45.56 -8.09
C PRO B 428 -8.57 -44.19 -7.63
N THR B 429 -9.14 -43.72 -6.55
CA THR B 429 -8.66 -42.53 -5.85
C THR B 429 -7.26 -42.75 -5.33
N GLU B 430 -6.41 -41.75 -5.51
CA GLU B 430 -5.01 -41.81 -5.10
C GLU B 430 -4.71 -40.61 -4.23
N ILE B 431 -4.33 -40.89 -2.99
CA ILE B 431 -4.01 -39.86 -2.01
C ILE B 431 -2.53 -39.96 -1.66
N PHE B 432 -1.79 -38.88 -1.88
CA PHE B 432 -0.39 -38.84 -1.46
C PHE B 432 -0.28 -38.60 0.03
N VAL B 433 0.60 -39.35 0.69
CA VAL B 433 0.78 -39.26 2.14
C VAL B 433 2.11 -38.55 2.47
N SER B 434 2.04 -37.41 3.16
CA SER B 434 3.26 -36.66 3.43
C SER B 434 4.36 -37.59 3.94
N ASP B 435 5.58 -37.39 3.42
CA ASP B 435 6.74 -38.10 3.91
C ASP B 435 7.39 -37.39 5.10
N LEU B 436 6.81 -36.28 5.56
CA LEU B 436 7.37 -35.56 6.69
C LEU B 436 6.61 -35.66 8.00
N HIS B 437 5.31 -35.94 7.95
CA HIS B 437 4.46 -35.69 9.11
C HIS B 437 4.21 -36.92 9.97
N TYR B 438 4.65 -38.09 9.51
CA TYR B 438 4.31 -39.35 10.18
C TYR B 438 5.59 -40.13 10.53
N PRO B 439 6.33 -39.63 11.51
CA PRO B 439 7.62 -40.26 11.84
C PRO B 439 7.53 -41.67 12.42
N ASP B 440 6.35 -42.08 12.91
CA ASP B 440 6.13 -43.45 13.40
C ASP B 440 5.15 -44.22 12.55
N GLY B 441 5.03 -43.87 11.27
CA GLY B 441 4.10 -44.52 10.37
C GLY B 441 2.76 -43.80 10.44
N TYR B 442 1.81 -44.23 9.63
CA TYR B 442 0.49 -43.63 9.62
C TYR B 442 -0.60 -44.69 9.71
N ALA B 443 -1.75 -44.30 10.24
CA ALA B 443 -2.95 -45.13 10.20
C ALA B 443 -3.92 -44.52 9.23
N VAL B 444 -4.71 -45.37 8.58
CA VAL B 444 -5.76 -44.95 7.66
C VAL B 444 -7.04 -45.67 7.98
N GLN B 445 -8.15 -44.97 7.83
CA GLN B 445 -9.46 -45.56 8.00
C GLN B 445 -10.36 -45.02 6.90
N VAL B 446 -11.22 -45.87 6.34
CA VAL B 446 -12.09 -45.48 5.24
C VAL B 446 -13.50 -45.94 5.54
N ASP B 447 -14.45 -45.06 5.35
CA ASP B 447 -15.85 -45.39 5.54
C ASP B 447 -16.46 -45.29 4.16
N GLY B 448 -17.16 -46.34 3.76
CA GLY B 448 -17.78 -46.42 2.43
C GLY B 448 -16.86 -46.89 1.33
N GLY B 449 -15.69 -47.42 1.71
CA GLY B 449 -14.75 -47.92 0.72
C GLY B 449 -13.64 -48.64 1.42
N GLN B 450 -12.62 -49.02 0.68
CA GLN B 450 -11.47 -49.66 1.29
C GLN B 450 -10.18 -49.21 0.64
N VAL B 451 -9.11 -49.40 1.39
CA VAL B 451 -7.75 -49.10 0.98
C VAL B 451 -7.15 -50.35 0.33
N THR B 452 -6.54 -50.19 -0.83
CA THR B 452 -5.99 -51.34 -1.57
C THR B 452 -4.46 -51.30 -1.65
N SER B 453 -3.84 -50.29 -1.03
CA SER B 453 -2.38 -50.11 -1.07
C SER B 453 -1.76 -50.69 0.21
N ALA B 454 -0.43 -50.79 0.24
CA ALA B 454 0.30 -51.42 1.35
C ALA B 454 0.43 -50.51 2.59
N PRO B 455 0.62 -51.11 3.78
CA PRO B 455 1.01 -50.33 4.95
C PRO B 455 2.26 -49.53 4.63
N GLY B 456 2.24 -48.27 5.03
CA GLY B 456 3.37 -47.37 4.81
C GLY B 456 3.60 -46.87 3.39
N ALA B 457 2.70 -47.14 2.45
CA ALA B 457 2.95 -46.71 1.06
C ALA B 457 2.83 -45.19 0.93
N ARG B 458 3.57 -44.63 -0.01
CA ARG B 458 3.51 -43.19 -0.28
C ARG B 458 2.17 -42.76 -0.90
N ILE B 459 1.52 -43.66 -1.64
CA ILE B 459 0.20 -43.39 -2.19
C ILE B 459 -0.81 -44.35 -1.56
N VAL B 460 -1.85 -43.79 -0.97
CA VAL B 460 -2.98 -44.57 -0.51
C VAL B 460 -3.99 -44.65 -1.67
N THR B 461 -4.36 -45.87 -2.04
CA THR B 461 -5.35 -46.07 -3.12
C THR B 461 -6.64 -46.51 -2.48
N VAL B 462 -7.74 -45.85 -2.86
CA VAL B 462 -9.06 -46.13 -2.26
C VAL B 462 -10.09 -46.51 -3.32
N VAL B 463 -10.85 -47.59 -3.07
CA VAL B 463 -11.93 -48.06 -3.96
C VAL B 463 -13.27 -47.94 -3.22
N ALA B 464 -14.22 -47.21 -3.80
CA ALA B 464 -15.55 -47.07 -3.21
C ALA B 464 -16.33 -48.39 -3.17
N ASP B 465 -17.12 -48.57 -2.11
CA ASP B 465 -18.03 -49.70 -1.99
C ASP B 465 -19.20 -49.59 -2.97
N GLY B 466 -19.73 -48.38 -3.12
CA GLY B 466 -20.94 -48.14 -3.92
C GLY B 466 -21.01 -46.71 -4.40
N SER B 467 -22.23 -46.18 -4.51
CA SER B 467 -22.44 -44.80 -4.92
C SER B 467 -22.44 -43.82 -3.72
N GLY B 468 -22.47 -44.34 -2.51
CA GLY B 468 -22.54 -43.50 -1.30
C GLY B 468 -21.22 -42.81 -0.96
N PRO B 469 -21.27 -41.76 -0.13
CA PRO B 469 -20.06 -40.97 0.10
C PRO B 469 -18.96 -41.80 0.77
N VAL B 470 -17.71 -41.50 0.41
CA VAL B 470 -16.54 -42.15 0.98
C VAL B 470 -15.78 -41.16 1.83
N THR B 471 -15.39 -41.60 3.01
CA THR B 471 -14.67 -40.76 3.96
C THR B 471 -13.35 -41.38 4.32
N VAL B 472 -12.28 -40.62 4.16
CA VAL B 472 -10.95 -41.10 4.42
C VAL B 472 -10.29 -40.32 5.54
N LYS B 473 -9.66 -41.05 6.46
CA LYS B 473 -8.89 -40.45 7.54
C LYS B 473 -7.51 -41.05 7.59
N ILE B 474 -6.53 -40.16 7.68
CA ILE B 474 -5.13 -40.49 7.76
C ILE B 474 -4.50 -39.65 8.86
N ASN B 475 -3.78 -40.30 9.75
CA ASN B 475 -3.17 -39.63 10.87
C ASN B 475 -2.12 -40.50 11.54
N ARG B 476 -1.38 -39.87 12.45
CA ARG B 476 -0.46 -40.60 13.31
C ARG B 476 -1.24 -41.62 14.11
N PRO B 477 -0.66 -42.81 14.37
CA PRO B 477 -1.38 -43.86 15.10
C PRO B 477 -1.90 -43.42 16.49
N GLY B 478 -1.23 -42.50 17.16
CA GLY B 478 -1.84 -41.90 18.35
C GLY B 478 -3.21 -41.22 18.19
N SER B 479 -3.39 -40.51 17.08
CA SER B 479 -4.27 -39.33 17.09
C SER B 479 -5.75 -39.66 16.98
N ALA B 480 -6.57 -38.81 17.56
CA ALA B 480 -8.01 -38.88 17.35
C ALA B 480 -8.36 -38.47 15.92
N GLY B 481 -7.45 -37.75 15.29
CA GLY B 481 -7.56 -37.47 13.87
C GLY B 481 -8.40 -36.26 13.53
N ALA B 482 -8.57 -36.06 12.23
CA ALA B 482 -9.37 -34.98 11.70
C ALA B 482 -10.80 -35.44 11.46
N GLU B 483 -11.70 -34.46 11.40
CA GLU B 483 -13.09 -34.68 11.02
C GLU B 483 -13.43 -33.76 9.87
N VAL B 484 -14.40 -34.19 9.06
CA VAL B 484 -14.77 -33.45 7.85
C VAL B 484 -15.74 -32.28 8.17
N PRO B 485 -15.38 -31.04 7.74
CA PRO B 485 -16.19 -29.84 8.00
C PRO B 485 -17.68 -30.02 7.71
C2 BGC C . -4.30 16.36 1.94
C3 BGC C . -5.71 16.76 2.27
C4 BGC C . -6.49 15.46 2.43
C5 BGC C . -6.05 14.78 3.72
C6 BGC C . -6.34 13.28 3.87
C1 BGC C . -3.81 15.35 2.97
O1 BGC C . -3.77 14.10 2.38
O2 BGC C . -3.48 17.54 1.97
O3 BGC C . -6.16 17.65 1.24
O4 BGC C . -7.88 15.76 2.57
O5 BGC C . -4.68 15.04 4.04
O6 BGC C . -6.76 12.63 2.66
C1 GAL C . -8.76 15.16 1.61
C2 GAL C . -10.15 15.31 2.22
C3 GAL C . -11.22 14.75 1.30
C4 GAL C . -11.07 15.30 -0.11
C5 GAL C . -9.62 15.10 -0.57
C6 GAL C . -9.39 15.61 -1.98
O2 GAL C . -10.21 14.64 3.47
O3 GAL C . -12.49 15.17 1.75
O4 GAL C . -11.37 16.68 0.00
O5 GAL C . -8.73 15.74 0.33
O6 GAL C . -9.49 17.02 -2.01
C1 NGA C . -12.68 17.02 -0.44
C2 NGA C . -13.11 18.26 0.32
C3 NGA C . -14.43 18.79 -0.17
C4 NGA C . -14.46 18.91 -1.67
C5 NGA C . -13.97 17.63 -2.32
C6 NGA C . -13.91 17.80 -3.83
C7 NGA C . -12.35 18.31 2.67
C8 NGA C . -11.16 19.02 2.21
N2 NGA C . -13.24 17.99 1.74
O3 NGA C . -14.46 20.08 0.34
O4 NGA C . -13.65 20.01 -2.03
O5 NGA C . -12.67 17.25 -1.84
O6 NGA C . -13.87 16.49 -4.38
O7 NGA C . -12.48 18.04 3.87
C1 GAL C . -15.64 20.26 1.12
C2 GAL C . -15.87 21.21 2.29
C3 GAL C . -17.27 21.07 2.84
C4 GAL C . -18.31 21.07 1.73
C5 GAL C . -17.91 20.12 0.62
C6 GAL C . -18.86 20.17 -0.56
O2 GAL C . -14.93 20.93 3.29
O3 GAL C . -17.52 22.19 3.65
O4 GAL C . -18.37 22.39 1.21
O5 GAL C . -16.64 20.51 0.15
O6 GAL C . -20.16 20.09 -0.04
C1 SIA C . -14.62 14.85 2.39
C2 SIA C . -13.38 14.07 1.99
C3 SIA C . -13.14 12.89 2.92
C4 SIA C . -14.10 11.74 2.66
C5 SIA C . -14.23 11.46 1.18
C6 SIA C . -14.69 12.72 0.48
C7 SIA C . -15.02 12.50 -1.00
C8 SIA C . -15.15 13.80 -1.79
C9 SIA C . -15.75 13.48 -3.14
C10 SIA C . -14.94 9.26 0.28
C11 SIA C . -13.64 9.01 -0.43
N5 SIA C . -15.17 10.37 0.98
O1A SIA C . -15.22 15.49 1.47
O1B SIA C . -14.98 14.87 3.59
O4 SIA C . -13.57 10.59 3.33
O6 SIA C . -13.59 13.63 0.64
O7 SIA C . -13.98 11.78 -1.65
O8 SIA C . -15.97 14.75 -1.14
O9 SIA C . -15.87 14.74 -3.81
O10 SIA C . -15.81 8.41 0.21
NA NA D . -15.33 28.02 -1.26
O19 18C E . 0.38 11.89 0.35
C19 18C E . -0.41 12.65 -0.08
N2 18C E . -1.62 12.94 0.64
C2 18C E . -1.95 12.32 1.91
C1 18C E . -2.61 13.36 2.84
C3 18C E . -2.89 11.14 1.65
C4 18C E . -2.44 10.34 0.43
C5 18C E . -2.48 9.02 0.42
C6 18C E . -2.02 8.27 -0.82
C7 18C E . -2.11 6.77 -0.61
C8 18C E . -0.70 6.20 -0.67
C9 18C E . -0.67 5.02 -1.62
C10 18C E . 0.76 4.77 -2.07
C11 18C E . 1.52 3.87 -1.11
O3 18C E . -2.89 10.31 2.76
C20 18C E . -0.19 13.35 -1.41
C21 18C E . 0.72 12.51 -2.30
C22 18C E . -0.08 11.41 -2.98
C23 18C E . 0.86 10.46 -3.72
C24 18C E . 0.08 9.26 -4.22
C25 18C E . 0.90 8.45 -5.22
C26 18C E . 1.92 7.59 -4.49
C27 18C E . 2.86 6.96 -5.51
C28 18C E . 3.94 6.16 -4.81
C29 18C E . 4.25 4.93 -5.66
NA NA F . 19.29 -19.39 -18.89
#